data_4HNE
#
_entry.id   4HNE
#
_cell.length_a   191.824
_cell.length_b   191.824
_cell.length_c   157.543
_cell.angle_alpha   90.00
_cell.angle_beta   90.00
_cell.angle_gamma   90.00
#
_symmetry.space_group_name_H-M   'I 4 2 2'
#
loop_
_entity.id
_entity.type
_entity.pdbx_description
1 polymer 'Phosphatidylinositol 4-kinase type 2-alpha'
2 non-polymer "ADENOSINE-5'-DIPHOSPHATE"
3 water water
#
_entity_poly.entity_id   1
_entity_poly.type   'polypeptide(L)'
_entity_poly.pdbx_seq_one_letter_code
;GPLGSPEFAAQAQALAAQAAAAAHAAQAHRERNEFPEDPEFEAVVRQAELAIERCIFPERIYQGSSGSYFVKDPQGRIIA
VFKPKNEEPYGHLNPKWTKWLQKLSSPSSFGRDCLVLNQGYLSEAGASLVDQKLELNIVPRTKVVYLASETFNYSAIDRV
KSRGKRLALEKVPKVGQRFNRIGLPPKVGSFQLFVEGYKDADYWLRRFEAEPLPENTNRQLLLQFERLVVLDYIIRNTDR
GNDNWLIKYDCPMDSSSSRDTDWVVVKEPVIKVAAIDNGLAFPLKHPDSWRAYPFYWAWLPQAKVPFSQEIKDLILPKIS
DPNFVKDLEEDLYELFKKDPGFDRGQFHKQIAVMRGQILNLTQALKDNKSPLHLVQMPPVIVET
;
_entity_poly.pdbx_strand_id   A,B
#
loop_
_chem_comp.id
_chem_comp.type
_chem_comp.name
_chem_comp.formula
ADP non-polymer ADENOSINE-5'-DIPHOSPHATE 'C10 H15 N5 O10 P2'
#
# COMPACT_ATOMS: atom_id res chain seq x y z
N PRO A 2 -66.56 28.58 11.65
CA PRO A 2 -66.43 29.32 12.89
C PRO A 2 -65.32 30.39 12.81
N LEU A 3 -65.34 31.19 11.73
CA LEU A 3 -64.29 32.18 11.44
C LEU A 3 -64.25 33.37 12.40
N GLY A 4 -65.38 33.65 13.06
CA GLY A 4 -65.48 34.69 14.08
C GLY A 4 -66.41 34.29 15.22
N SER A 5 -66.46 32.99 15.49
CA SER A 5 -67.37 32.38 16.46
C SER A 5 -66.79 32.29 17.89
N PRO A 6 -67.62 31.94 18.89
CA PRO A 6 -67.07 31.64 20.21
C PRO A 6 -66.31 30.30 20.21
N GLU A 7 -66.77 29.34 19.42
CA GLU A 7 -66.11 28.04 19.34
C GLU A 7 -64.66 28.19 18.92
N PHE A 8 -64.43 29.03 17.91
CA PHE A 8 -63.08 29.30 17.41
C PHE A 8 -62.24 30.14 18.38
N ALA A 9 -62.84 31.14 18.99
CA ALA A 9 -62.16 31.97 20.00
C ALA A 9 -61.58 31.12 21.13
N ALA A 10 -62.32 30.07 21.49
CA ALA A 10 -61.87 29.11 22.50
C ALA A 10 -60.82 28.16 21.94
N GLN A 11 -60.94 27.82 20.66
CA GLN A 11 -59.94 27.02 19.95
C GLN A 11 -58.59 27.75 19.86
N ALA A 12 -58.65 29.06 19.64
CA ALA A 12 -57.48 29.93 19.54
C ALA A 12 -56.76 30.12 20.88
N GLN A 13 -57.50 30.09 21.99
CA GLN A 13 -56.93 30.16 23.33
C GLN A 13 -56.38 28.81 23.75
N ALA A 14 -56.99 27.75 23.22
CA ALA A 14 -56.50 26.39 23.40
C ALA A 14 -55.12 26.23 22.81
N LEU A 15 -54.88 26.91 21.68
CA LEU A 15 -53.56 26.91 21.07
C LEU A 15 -52.60 27.90 21.76
N ALA A 16 -53.11 29.06 22.17
CA ALA A 16 -52.31 30.12 22.79
C ALA A 16 -51.66 29.74 24.12
N ALA A 17 -52.38 28.97 24.92
CA ALA A 17 -51.90 28.48 26.22
C ALA A 17 -50.97 27.28 26.09
N GLN A 18 -51.23 26.40 25.12
CA GLN A 18 -50.36 25.25 24.88
C GLN A 18 -49.06 25.66 24.16
N ALA A 19 -49.12 26.74 23.40
CA ALA A 19 -47.94 27.31 22.75
C ALA A 19 -47.06 28.07 23.74
N ALA A 20 -47.69 28.63 24.78
CA ALA A 20 -46.98 29.34 25.84
C ALA A 20 -46.36 28.35 26.85
N ALA A 21 -47.04 27.23 27.07
CA ALA A 21 -46.50 26.12 27.87
C ALA A 21 -45.30 25.48 27.15
N ALA A 22 -45.46 25.21 25.85
CA ALA A 22 -44.38 24.68 25.03
C ALA A 22 -43.09 25.52 25.18
N ALA A 23 -43.22 26.84 25.13
CA ALA A 23 -42.08 27.78 25.24
C ALA A 23 -41.46 27.86 26.64
N HIS A 24 -42.28 27.63 27.66
CA HIS A 24 -41.81 27.55 29.05
C HIS A 24 -40.98 26.31 29.24
N ALA A 25 -41.42 25.20 28.64
CA ALA A 25 -40.80 23.89 28.82
C ALA A 25 -39.76 23.53 27.75
N ALA A 26 -39.23 24.54 27.06
CA ALA A 26 -38.28 24.33 25.97
C ALA A 26 -36.86 24.05 26.49
N GLN A 27 -36.48 24.74 27.56
CA GLN A 27 -35.18 24.55 28.19
C GLN A 27 -35.07 23.20 28.91
N ALA A 28 -36.09 22.83 29.66
CA ALA A 28 -36.10 21.53 30.36
C ALA A 28 -36.14 20.36 29.39
N HIS A 29 -36.85 20.53 28.26
CA HIS A 29 -36.93 19.50 27.22
C HIS A 29 -35.58 19.22 26.64
N ARG A 30 -34.83 20.27 26.32
CA ARG A 30 -33.47 20.15 25.79
C ARG A 30 -32.54 19.47 26.79
N GLU A 31 -32.57 19.96 28.03
CA GLU A 31 -31.65 19.50 29.07
C GLU A 31 -31.89 18.05 29.47
N ARG A 32 -32.90 17.44 28.85
CA ARG A 32 -33.24 16.05 29.09
C ARG A 32 -32.36 15.10 28.24
N ASN A 33 -31.60 15.66 27.29
CA ASN A 33 -30.60 14.93 26.51
C ASN A 33 -31.15 13.65 25.88
N GLU A 34 -32.10 13.79 24.96
CA GLU A 34 -32.73 12.64 24.34
C GLU A 34 -32.22 12.41 22.92
N PHE A 35 -31.90 11.16 22.59
CA PHE A 35 -31.39 10.85 21.26
C PHE A 35 -32.03 9.59 20.69
N PRO A 36 -33.33 9.67 20.34
CA PRO A 36 -34.03 8.54 19.73
C PRO A 36 -33.24 7.88 18.60
N GLU A 37 -32.52 8.69 17.82
CA GLU A 37 -31.71 8.22 16.70
C GLU A 37 -30.45 7.42 17.10
N ASP A 38 -29.87 7.73 18.26
CA ASP A 38 -28.68 7.02 18.70
C ASP A 38 -28.79 6.56 20.15
N PRO A 39 -29.59 5.50 20.41
CA PRO A 39 -29.83 5.04 21.78
C PRO A 39 -28.52 4.71 22.51
N GLU A 40 -27.51 4.30 21.75
CA GLU A 40 -26.23 3.92 22.31
C GLU A 40 -25.50 5.11 22.93
N PHE A 41 -25.53 6.24 22.23
CA PHE A 41 -24.96 7.50 22.72
C PHE A 41 -25.71 7.99 23.96
N GLU A 42 -27.05 7.90 23.92
CA GLU A 42 -27.88 8.35 25.04
C GLU A 42 -27.51 7.62 26.32
N ALA A 43 -27.27 6.32 26.21
CA ALA A 43 -26.91 5.47 27.35
C ALA A 43 -25.63 5.98 28.01
N VAL A 44 -24.63 6.31 27.20
CA VAL A 44 -23.39 6.87 27.69
C VAL A 44 -23.64 8.13 28.51
N VAL A 45 -24.50 9.01 27.99
CA VAL A 45 -24.87 10.23 28.67
C VAL A 45 -25.49 9.97 30.04
N ARG A 46 -26.35 8.95 30.12
CA ARG A 46 -26.97 8.60 31.41
C ARG A 46 -25.91 8.10 32.40
N GLN A 47 -24.98 7.29 31.93
CA GLN A 47 -23.85 6.88 32.74
C GLN A 47 -23.11 8.10 33.30
N ALA A 48 -22.99 9.14 32.47
CA ALA A 48 -22.31 10.38 32.84
C ALA A 48 -23.11 11.13 33.91
N GLU A 49 -24.43 11.13 33.74
CA GLU A 49 -25.33 11.79 34.67
C GLU A 49 -25.34 11.05 36.00
N LEU A 50 -25.34 9.73 35.92
CA LEU A 50 -25.34 8.87 37.09
C LEU A 50 -24.08 9.12 37.93
N ALA A 51 -22.93 9.00 37.29
CA ALA A 51 -21.63 9.25 37.93
C ALA A 51 -21.58 10.59 38.70
N ILE A 52 -22.23 11.60 38.14
CA ILE A 52 -22.25 12.95 38.72
C ILE A 52 -23.11 12.96 39.98
N GLU A 53 -24.27 12.29 39.92
CA GLU A 53 -25.13 12.12 41.12
C GLU A 53 -24.38 11.38 42.22
N ARG A 54 -23.61 10.36 41.83
CA ARG A 54 -22.79 9.62 42.79
C ARG A 54 -21.48 10.34 43.11
N CYS A 55 -21.37 11.60 42.70
CA CYS A 55 -20.22 12.45 43.02
C CYS A 55 -18.88 12.03 42.40
N ILE A 56 -18.91 11.18 41.37
CA ILE A 56 -17.74 10.98 40.51
C ILE A 56 -17.82 11.98 39.36
N PHE A 57 -17.10 13.08 39.50
CA PHE A 57 -17.19 14.22 38.60
C PHE A 57 -16.23 14.15 37.40
N PRO A 58 -16.59 14.83 36.29
CA PRO A 58 -15.65 15.09 35.21
C PRO A 58 -14.49 15.91 35.72
N GLU A 59 -13.30 15.68 35.21
CA GLU A 59 -12.13 16.42 35.64
C GLU A 59 -11.40 17.11 34.52
N ARG A 60 -10.84 18.27 34.81
CA ARG A 60 -10.27 19.09 33.78
C ARG A 60 -9.15 18.34 33.15
N ILE A 61 -9.00 18.50 31.86
CA ILE A 61 -7.93 17.87 31.16
C ILE A 61 -6.75 18.71 31.47
N TYR A 62 -5.73 18.07 32.01
CA TYR A 62 -4.68 18.80 32.63
C TYR A 62 -3.83 19.70 31.77
N GLN A 63 -3.36 19.20 30.65
CA GLN A 63 -2.45 20.01 29.85
C GLN A 63 -3.17 20.54 28.64
N GLY A 64 -4.48 20.32 28.63
CA GLY A 64 -5.33 20.80 27.58
C GLY A 64 -5.73 22.22 27.85
N SER A 65 -6.61 22.75 27.02
CA SER A 65 -7.19 24.05 27.23
C SER A 65 -8.09 23.95 28.44
N SER A 66 -8.31 25.08 29.08
CA SER A 66 -9.00 25.13 30.37
C SER A 66 -10.46 24.65 30.36
N GLY A 67 -11.08 24.58 29.18
CA GLY A 67 -12.52 24.31 29.08
C GLY A 67 -12.99 22.93 28.65
N SER A 68 -12.20 21.91 28.91
CA SER A 68 -12.53 20.55 28.50
C SER A 68 -12.32 19.56 29.64
N TYR A 69 -13.18 18.55 29.71
CA TYR A 69 -13.22 17.67 30.87
C TYR A 69 -13.30 16.21 30.44
N PHE A 70 -12.73 15.34 31.25
CA PHE A 70 -12.92 13.92 31.07
C PHE A 70 -14.15 13.51 31.88
N VAL A 71 -15.19 13.13 31.17
CA VAL A 71 -16.38 12.61 31.78
C VAL A 71 -16.14 11.15 32.15
N LYS A 72 -16.45 10.80 33.40
CA LYS A 72 -16.25 9.44 33.91
C LYS A 72 -17.59 8.77 34.14
N ASP A 73 -17.63 7.44 33.99
CA ASP A 73 -18.80 6.65 34.37
C ASP A 73 -18.81 6.43 35.90
N PRO A 74 -19.85 5.74 36.42
CA PRO A 74 -19.87 5.53 37.88
C PRO A 74 -18.73 4.65 38.42
N GLN A 75 -17.97 4.00 37.54
CA GLN A 75 -16.87 3.14 37.95
C GLN A 75 -15.51 3.84 37.92
N GLY A 76 -15.47 5.04 37.36
CA GLY A 76 -14.24 5.82 37.27
C GLY A 76 -13.52 5.77 35.93
N ARG A 77 -14.00 4.93 35.01
CA ARG A 77 -13.45 4.88 33.65
C ARG A 77 -13.85 6.15 32.88
N ILE A 78 -12.95 6.64 32.02
CA ILE A 78 -13.29 7.77 31.17
C ILE A 78 -14.20 7.30 30.04
N ILE A 79 -15.26 8.06 29.78
CA ILE A 79 -16.27 7.68 28.79
C ILE A 79 -16.57 8.76 27.76
N ALA A 80 -16.12 9.99 28.03
CA ALA A 80 -16.37 11.10 27.11
C ALA A 80 -15.45 12.32 27.35
N VAL A 81 -15.32 13.16 26.33
CA VAL A 81 -14.75 14.47 26.51
C VAL A 81 -15.88 15.49 26.34
N PHE A 82 -16.03 16.36 27.34
CA PHE A 82 -17.05 17.40 27.34
C PHE A 82 -16.39 18.78 27.33
N LYS A 83 -16.85 19.65 26.42
CA LYS A 83 -16.38 21.03 26.27
C LYS A 83 -17.56 22.00 26.30
N PRO A 84 -17.82 22.66 27.46
CA PRO A 84 -18.89 23.63 27.61
C PRO A 84 -18.71 24.83 26.70
N LYS A 85 -19.81 25.27 26.07
CA LYS A 85 -19.80 26.46 25.24
C LYS A 85 -19.19 27.66 25.96
N ASN A 86 -19.71 27.96 27.15
CA ASN A 86 -19.34 29.20 27.84
C ASN A 86 -17.94 29.23 28.45
N GLU A 87 -17.22 28.11 28.35
CA GLU A 87 -15.82 28.03 28.83
C GLU A 87 -14.84 28.09 27.66
N GLU A 88 -15.35 28.27 26.45
CA GLU A 88 -14.52 28.57 25.29
C GLU A 88 -13.87 29.95 25.44
N PRO A 89 -12.73 30.18 24.76
CA PRO A 89 -12.01 31.45 24.82
C PRO A 89 -12.91 32.69 24.79
N TYR A 90 -13.81 32.78 23.81
CA TYR A 90 -14.61 33.98 23.63
C TYR A 90 -16.05 33.75 24.09
N GLY A 91 -16.18 32.90 25.11
CA GLY A 91 -17.45 32.51 25.68
C GLY A 91 -18.14 33.58 26.52
N HIS A 92 -17.51 34.74 26.63
CA HIS A 92 -18.16 35.94 27.14
C HIS A 92 -18.75 36.72 25.98
N LEU A 93 -18.98 38.02 26.19
CA LEU A 93 -19.66 38.87 25.19
C LEU A 93 -20.88 38.21 24.51
N ASN A 94 -21.79 37.70 25.34
CA ASN A 94 -22.99 37.01 24.89
C ASN A 94 -24.06 37.93 24.24
N PRO A 95 -24.38 39.08 24.87
CA PRO A 95 -25.28 40.02 24.19
C PRO A 95 -24.78 40.33 22.78
N LYS A 96 -25.52 39.84 21.79
CA LYS A 96 -24.98 39.89 20.47
C LYS A 96 -24.63 41.34 20.39
N TRP A 97 -23.37 41.53 20.12
CA TRP A 97 -22.78 42.83 19.78
C TRP A 97 -22.33 42.84 18.34
N THR A 98 -22.29 41.66 17.72
CA THR A 98 -21.69 41.46 16.39
C THR A 98 -22.28 42.32 15.28
N LYS A 99 -23.59 42.58 15.33
CA LYS A 99 -24.27 43.38 14.29
C LYS A 99 -24.00 44.88 14.42
N TRP A 100 -23.72 45.34 15.64
CA TRP A 100 -23.34 46.73 15.90
C TRP A 100 -21.92 46.99 15.47
N LEU A 101 -21.14 45.92 15.37
CA LEU A 101 -19.72 45.96 15.03
C LEU A 101 -19.45 46.27 13.55
N GLN A 102 -20.28 45.73 12.66
CA GLN A 102 -20.12 45.94 11.22
C GLN A 102 -21.12 46.93 10.63
N LYS A 103 -22.08 47.36 11.46
CA LYS A 103 -23.11 48.30 11.05
C LYS A 103 -23.22 49.48 12.03
N PHE A 110 -15.26 45.11 9.41
CA PHE A 110 -14.72 43.91 10.05
C PHE A 110 -15.01 42.64 9.26
N GLY A 111 -14.08 41.68 9.27
CA GLY A 111 -12.80 41.76 9.99
C GLY A 111 -11.85 40.65 9.57
N ARG A 112 -10.67 40.61 10.17
CA ARG A 112 -9.65 39.62 9.79
C ARG A 112 -10.01 38.19 10.25
N ASP A 113 -10.71 38.09 11.37
CA ASP A 113 -11.12 36.80 11.95
C ASP A 113 -12.08 36.06 11.03
N CYS A 114 -11.89 34.74 10.87
CA CYS A 114 -12.69 33.96 9.91
C CYS A 114 -13.52 32.82 10.53
N LEU A 115 -13.56 32.78 11.86
CA LEU A 115 -14.46 31.86 12.58
C LEU A 115 -15.51 32.65 13.35
N VAL A 116 -16.72 32.11 13.43
CA VAL A 116 -17.77 32.70 14.27
C VAL A 116 -17.31 32.68 15.72
N LEU A 117 -17.80 33.61 16.53
CA LEU A 117 -17.19 33.88 17.84
C LEU A 117 -17.23 32.75 18.88
N ASN A 118 -18.40 32.17 19.10
CA ASN A 118 -18.58 31.27 20.23
C ASN A 118 -19.41 30.06 19.82
N GLN A 119 -18.88 29.27 18.88
CA GLN A 119 -19.60 28.10 18.39
C GLN A 119 -18.67 26.87 18.25
N GLY A 120 -17.67 26.80 19.13
CA GLY A 120 -16.71 25.71 19.13
C GLY A 120 -17.42 24.37 19.24
N TYR A 121 -18.28 24.25 20.26
CA TYR A 121 -19.00 23.03 20.47
C TYR A 121 -19.83 22.68 19.23
N LEU A 122 -20.36 23.69 18.55
CA LEU A 122 -21.09 23.40 17.31
C LEU A 122 -20.19 22.86 16.18
N SER A 123 -18.97 23.39 16.04
CA SER A 123 -17.98 22.90 15.07
C SER A 123 -17.67 21.44 15.40
N GLU A 124 -17.48 21.23 16.69
CA GLU A 124 -17.14 19.93 17.22
C GLU A 124 -18.26 18.94 16.89
N ALA A 125 -19.51 19.37 17.08
CA ALA A 125 -20.67 18.51 16.78
C ALA A 125 -20.92 18.37 15.29
N GLY A 126 -20.75 19.47 14.54
CA GLY A 126 -20.83 19.47 13.08
C GLY A 126 -19.87 18.51 12.40
N ALA A 127 -18.61 18.48 12.86
CA ALA A 127 -17.65 17.50 12.37
C ALA A 127 -18.24 16.08 12.39
N SER A 128 -18.71 15.65 13.55
CA SER A 128 -19.29 14.32 13.74
C SER A 128 -20.48 14.11 12.80
N LEU A 129 -21.28 15.16 12.64
CA LEU A 129 -22.42 15.13 11.75
C LEU A 129 -21.97 14.85 10.31
N VAL A 130 -21.04 15.67 9.81
CA VAL A 130 -20.47 15.47 8.46
C VAL A 130 -19.91 14.05 8.30
N ASP A 131 -19.16 13.61 9.32
CA ASP A 131 -18.60 12.27 9.39
C ASP A 131 -19.66 11.20 9.13
N GLN A 132 -20.76 11.25 9.90
CA GLN A 132 -21.82 10.24 9.81
C GLN A 132 -22.44 10.20 8.42
N LYS A 133 -22.81 11.36 7.91
CA LYS A 133 -23.45 11.47 6.62
C LYS A 133 -22.54 10.96 5.51
N LEU A 134 -21.24 11.20 5.63
CA LEU A 134 -20.23 10.72 4.66
C LEU A 134 -19.78 9.28 4.88
N GLU A 135 -20.14 8.72 6.04
CA GLU A 135 -19.78 7.35 6.42
C GLU A 135 -18.28 7.10 6.57
N LEU A 136 -17.56 8.09 7.08
CA LEU A 136 -16.13 7.99 7.30
C LEU A 136 -15.77 7.22 8.58
N ASN A 137 -16.58 7.40 9.62
CA ASN A 137 -16.35 6.75 10.91
C ASN A 137 -14.94 6.97 11.44
N ILE A 138 -14.52 8.23 11.51
CA ILE A 138 -13.24 8.58 12.13
C ILE A 138 -13.40 9.55 13.30
N VAL A 139 -14.41 10.40 13.25
CA VAL A 139 -14.75 11.25 14.37
C VAL A 139 -15.59 10.42 15.35
N PRO A 140 -15.12 10.29 16.60
CA PRO A 140 -15.95 9.60 17.60
C PRO A 140 -17.26 10.36 17.79
N ARG A 141 -18.40 9.66 17.76
CA ARG A 141 -19.71 10.30 17.87
C ARG A 141 -19.69 11.38 18.94
N THR A 142 -19.98 12.60 18.51
CA THR A 142 -20.05 13.76 19.38
C THR A 142 -21.30 14.55 19.07
N LYS A 143 -22.00 14.97 20.11
CA LYS A 143 -23.27 15.70 19.99
C LYS A 143 -23.37 16.83 21.02
N VAL A 144 -24.39 17.69 20.83
CA VAL A 144 -24.64 18.78 21.76
C VAL A 144 -25.41 18.26 22.97
N VAL A 145 -24.80 18.38 24.15
CA VAL A 145 -25.36 17.82 25.39
C VAL A 145 -25.34 18.87 26.51
N TYR A 146 -26.31 18.80 27.42
CA TYR A 146 -26.32 19.60 28.64
C TYR A 146 -25.83 18.79 29.83
N LEU A 147 -24.96 19.37 30.64
CA LEU A 147 -24.49 18.71 31.86
C LEU A 147 -24.22 19.74 32.94
N ALA A 148 -24.52 19.35 34.18
CA ALA A 148 -24.21 20.16 35.35
C ALA A 148 -23.26 19.38 36.23
N SER A 149 -22.26 20.06 36.77
CA SER A 149 -21.25 19.45 37.65
C SER A 149 -20.46 20.49 38.45
N GLU A 150 -20.18 20.17 39.72
CA GLU A 150 -19.35 20.97 40.60
C GLU A 150 -18.02 21.42 39.99
N THR A 151 -17.43 20.55 39.18
CA THR A 151 -16.09 20.79 38.65
C THR A 151 -16.03 21.67 37.41
N PHE A 152 -17.18 21.94 36.78
CA PHE A 152 -17.23 22.91 35.69
C PHE A 152 -17.04 24.31 36.27
N ASN A 153 -16.58 25.23 35.42
CA ASN A 153 -16.32 26.62 35.82
C ASN A 153 -17.60 27.45 35.87
N TYR A 154 -18.21 27.56 37.04
CA TYR A 154 -19.38 28.41 37.20
C TYR A 154 -18.98 29.78 37.76
N SER A 155 -19.89 30.74 37.73
CA SER A 155 -19.63 32.07 38.26
C SER A 155 -19.90 32.07 39.77
N ALA A 156 -19.45 33.11 40.47
CA ALA A 156 -19.69 33.21 41.91
C ALA A 156 -21.18 33.07 42.23
N ILE A 157 -22.02 33.83 41.51
CA ILE A 157 -23.47 33.81 41.78
C ILE A 157 -24.14 32.46 41.57
N ASP A 158 -23.78 31.77 40.50
CA ASP A 158 -24.33 30.47 40.25
C ASP A 158 -24.01 29.54 41.42
N ARG A 159 -22.76 29.58 41.87
CA ARG A 159 -22.31 28.72 42.97
C ARG A 159 -23.04 29.02 44.27
N VAL A 160 -23.24 30.30 44.59
CA VAL A 160 -24.00 30.63 45.78
C VAL A 160 -25.49 30.30 45.64
N LYS A 161 -26.12 30.80 44.58
CA LYS A 161 -27.55 30.57 44.28
C LYS A 161 -27.94 29.08 44.34
N SER A 162 -26.94 28.20 44.26
CA SER A 162 -27.20 26.77 44.21
C SER A 162 -27.05 26.08 45.56
N ARG A 163 -26.72 26.85 46.61
CA ARG A 163 -26.63 26.28 47.97
C ARG A 163 -28.02 25.87 48.48
N GLY A 164 -28.98 26.80 48.38
CA GLY A 164 -30.33 26.53 48.85
C GLY A 164 -30.98 25.38 48.12
N LYS A 165 -31.86 24.68 48.81
CA LYS A 165 -32.59 23.55 48.24
C LYS A 165 -33.64 24.05 47.25
N ARG A 166 -33.54 23.61 45.99
CA ARG A 166 -34.52 23.95 44.95
C ARG A 166 -35.14 22.70 44.34
N LEU A 167 -36.46 22.73 44.17
CA LEU A 167 -37.19 21.64 43.51
C LEU A 167 -37.88 22.14 42.24
N ALA A 168 -38.04 21.25 41.25
CA ALA A 168 -38.83 21.58 40.06
C ALA A 168 -40.03 20.65 39.93
N LEU A 169 -41.16 21.19 39.47
CA LEU A 169 -42.41 20.44 39.40
C LEU A 169 -42.89 20.19 37.97
N ARG A 178 -42.05 13.43 39.60
CA ARG A 178 -41.66 14.66 38.91
C ARG A 178 -41.37 15.84 39.86
N PHE A 179 -40.80 15.54 41.03
CA PHE A 179 -40.13 16.53 41.89
C PHE A 179 -38.60 16.43 41.72
N ASN A 180 -38.07 17.06 40.67
CA ASN A 180 -36.63 17.12 40.42
C ASN A 180 -35.88 18.10 41.32
N ARG A 181 -34.77 17.64 41.88
CA ARG A 181 -33.83 18.50 42.60
C ARG A 181 -33.07 19.36 41.58
N ILE A 182 -32.70 20.58 41.97
CA ILE A 182 -31.91 21.42 41.08
C ILE A 182 -30.63 21.82 41.78
N GLY A 183 -29.50 21.56 41.11
CA GLY A 183 -28.22 22.07 41.56
C GLY A 183 -27.73 23.14 40.62
N LEU A 184 -26.44 23.08 40.28
CA LEU A 184 -25.85 24.04 39.35
C LEU A 184 -26.57 23.95 38.00
N PRO A 185 -26.70 25.10 37.29
CA PRO A 185 -27.35 25.04 35.97
C PRO A 185 -26.59 24.14 34.99
N PRO A 186 -27.33 23.37 34.16
CA PRO A 186 -26.68 22.54 33.16
C PRO A 186 -25.97 23.40 32.13
N LYS A 187 -24.82 22.97 31.66
CA LYS A 187 -24.10 23.68 30.62
C LYS A 187 -24.27 22.94 29.30
N VAL A 188 -24.61 23.70 28.26
CA VAL A 188 -24.56 23.18 26.92
C VAL A 188 -23.09 23.04 26.53
N GLY A 189 -22.77 21.97 25.82
CA GLY A 189 -21.41 21.72 25.38
C GLY A 189 -21.43 20.57 24.38
N SER A 190 -20.24 20.21 23.90
CA SER A 190 -20.13 19.08 23.02
C SER A 190 -19.68 17.90 23.87
N PHE A 191 -20.21 16.72 23.55
CA PHE A 191 -19.99 15.50 24.33
C PHE A 191 -19.48 14.42 23.39
N GLN A 192 -18.18 14.16 23.42
CA GLN A 192 -17.55 13.23 22.49
C GLN A 192 -17.24 11.91 23.15
N LEU A 193 -17.64 10.81 22.51
CA LEU A 193 -17.28 9.50 23.02
C LEU A 193 -15.77 9.36 23.11
N PHE A 194 -15.31 8.84 24.25
CA PHE A 194 -13.88 8.64 24.50
C PHE A 194 -13.41 7.35 23.87
N VAL A 195 -12.32 7.42 23.13
CA VAL A 195 -11.77 6.24 22.45
C VAL A 195 -10.43 5.83 23.10
N GLU A 196 -10.19 4.52 23.17
CA GLU A 196 -9.14 4.00 24.04
C GLU A 196 -7.97 3.38 23.29
N GLY A 197 -6.75 3.78 23.67
CA GLY A 197 -5.52 3.20 23.12
C GLY A 197 -4.96 3.87 21.89
N TYR A 198 -5.26 5.14 21.69
CA TYR A 198 -4.67 5.87 20.57
C TYR A 198 -3.48 6.67 21.09
N LYS A 199 -2.61 7.09 20.18
CA LYS A 199 -1.56 8.05 20.50
C LYS A 199 -1.59 9.19 19.47
N ASP A 200 -0.91 10.28 19.78
CA ASP A 200 -0.73 11.36 18.81
C ASP A 200 -0.28 10.76 17.48
N ALA A 201 -0.89 11.19 16.39
CA ALA A 201 -0.53 10.68 15.08
C ALA A 201 0.98 10.77 14.83
N ASP A 202 1.64 11.84 15.25
CA ASP A 202 3.07 11.97 14.95
C ASP A 202 3.95 10.96 15.68
N TYR A 203 3.54 10.56 16.88
CA TYR A 203 4.25 9.49 17.61
C TYR A 203 4.44 8.24 16.76
N TRP A 204 3.36 7.83 16.08
CA TRP A 204 3.38 6.65 15.23
C TRP A 204 4.05 6.89 13.91
N LEU A 205 3.72 8.00 13.26
CA LEU A 205 4.27 8.32 11.94
C LEU A 205 5.79 8.35 11.94
N ARG A 206 6.40 8.84 13.01
CA ARG A 206 7.84 8.81 13.07
C ARG A 206 8.36 7.41 13.41
N ARG A 207 7.58 6.63 14.17
CA ARG A 207 7.93 5.23 14.38
C ARG A 207 7.80 4.42 13.10
N PHE A 208 6.81 4.76 12.26
CA PHE A 208 6.69 4.12 10.94
C PHE A 208 7.75 4.62 9.97
N GLU A 209 8.56 5.56 10.44
CA GLU A 209 9.69 6.02 9.64
C GLU A 209 10.92 5.16 9.82
N ALA A 210 11.15 4.70 11.04
CA ALA A 210 12.17 3.69 11.30
C ALA A 210 11.70 2.31 10.84
N GLU A 211 10.75 1.68 11.57
CA GLU A 211 10.07 0.47 11.14
C GLU A 211 9.06 0.89 10.09
N PRO A 212 9.23 0.51 8.82
CA PRO A 212 7.99 0.67 8.06
C PRO A 212 7.00 -0.42 8.41
N LEU A 213 5.73 -0.17 8.14
CA LEU A 213 4.69 -1.16 8.40
C LEU A 213 4.67 -2.23 7.32
N PRO A 214 4.16 -3.43 7.65
CA PRO A 214 3.77 -4.36 6.60
C PRO A 214 2.82 -3.68 5.61
N GLU A 215 2.91 -4.05 4.34
CA GLU A 215 2.20 -3.33 3.28
C GLU A 215 0.69 -3.33 3.48
N ASN A 216 0.15 -4.46 3.93
CA ASN A 216 -1.31 -4.55 4.16
C ASN A 216 -1.83 -3.56 5.21
N THR A 217 -1.14 -3.49 6.35
CA THR A 217 -1.42 -2.51 7.39
C THR A 217 -1.25 -1.08 6.88
N ASN A 218 -0.18 -0.85 6.13
CA ASN A 218 0.09 0.46 5.57
C ASN A 218 -1.04 0.87 4.62
N ARG A 219 -1.55 -0.08 3.86
CA ARG A 219 -2.68 0.18 2.97
C ARG A 219 -3.90 0.62 3.77
N GLN A 220 -4.05 0.02 4.95
CA GLN A 220 -5.12 0.33 5.86
C GLN A 220 -4.97 1.73 6.45
N LEU A 221 -3.74 2.08 6.87
CA LEU A 221 -3.45 3.41 7.39
C LEU A 221 -3.86 4.46 6.36
N LEU A 222 -3.40 4.27 5.12
CA LEU A 222 -3.67 5.23 4.07
C LEU A 222 -5.17 5.38 3.79
N LEU A 223 -5.90 4.26 3.88
CA LEU A 223 -7.33 4.27 3.64
C LEU A 223 -8.00 5.15 4.66
N GLN A 224 -7.55 5.03 5.90
CA GLN A 224 -8.06 5.83 7.01
C GLN A 224 -7.66 7.31 6.86
N PHE A 225 -6.41 7.52 6.49
CA PHE A 225 -5.86 8.85 6.26
C PHE A 225 -6.65 9.64 5.22
N GLU A 226 -7.05 8.95 4.15
CA GLU A 226 -7.80 9.58 3.10
C GLU A 226 -9.11 10.10 3.66
N ARG A 227 -9.70 9.34 4.58
CA ARG A 227 -10.95 9.77 5.19
C ARG A 227 -10.71 11.01 6.06
N LEU A 228 -9.57 11.06 6.76
CA LEU A 228 -9.21 12.27 7.50
C LEU A 228 -9.15 13.46 6.56
N VAL A 229 -8.45 13.29 5.44
CA VAL A 229 -8.26 14.35 4.46
C VAL A 229 -9.60 14.88 3.96
N VAL A 230 -10.50 13.97 3.57
CA VAL A 230 -11.84 14.32 3.08
C VAL A 230 -12.61 15.16 4.10
N LEU A 231 -12.63 14.69 5.34
CA LEU A 231 -13.32 15.36 6.46
C LEU A 231 -12.79 16.77 6.69
N ASP A 232 -11.48 16.90 6.94
CA ASP A 232 -10.86 18.19 7.24
C ASP A 232 -11.01 19.17 6.10
N TYR A 233 -11.07 18.66 4.87
CA TYR A 233 -11.18 19.56 3.72
C TYR A 233 -12.57 20.13 3.50
N ILE A 234 -13.59 19.31 3.77
CA ILE A 234 -14.97 19.71 3.52
C ILE A 234 -15.42 20.67 4.61
N ILE A 235 -14.94 20.46 5.83
CA ILE A 235 -15.29 21.35 6.95
C ILE A 235 -14.26 22.48 7.07
N ARG A 236 -13.29 22.47 6.17
CA ARG A 236 -12.15 23.41 6.21
C ARG A 236 -11.69 23.69 7.65
N ASN A 237 -11.24 22.62 8.29
CA ASN A 237 -10.65 22.67 9.60
C ASN A 237 -9.55 23.70 9.56
N THR A 238 -9.42 24.41 10.67
CA THR A 238 -8.50 25.54 10.79
C THR A 238 -7.29 25.18 11.65
N ASP A 239 -7.36 24.04 12.32
CA ASP A 239 -6.44 23.77 13.40
C ASP A 239 -6.04 22.32 13.50
N ARG A 240 -5.64 21.72 12.38
CA ARG A 240 -5.22 20.33 12.39
C ARG A 240 -3.72 20.22 12.29
N GLY A 241 -3.10 19.77 13.37
CA GLY A 241 -1.67 19.45 13.36
C GLY A 241 -1.51 17.97 13.13
N ASN A 242 -0.32 17.45 13.37
CA ASN A 242 -0.12 16.01 13.34
C ASN A 242 -0.06 15.41 14.74
N ASP A 243 -0.54 16.17 15.72
CA ASP A 243 -0.68 15.77 17.13
C ASP A 243 -2.18 15.79 17.47
N ASN A 244 -2.90 16.55 16.68
CA ASN A 244 -4.33 16.74 16.75
C ASN A 244 -5.21 15.61 16.23
N TRP A 245 -4.64 14.69 15.46
CA TRP A 245 -5.37 13.48 15.12
C TRP A 245 -4.64 12.31 15.69
N LEU A 246 -5.33 11.19 15.83
CA LEU A 246 -4.77 10.09 16.58
C LEU A 246 -4.74 8.83 15.75
N ILE A 247 -3.73 8.00 16.00
CA ILE A 247 -3.62 6.69 15.39
C ILE A 247 -3.56 5.68 16.51
N LYS A 248 -4.30 4.58 16.36
CA LYS A 248 -4.23 3.46 17.28
C LYS A 248 -3.69 2.27 16.50
N TYR A 249 -2.66 1.64 17.04
CA TYR A 249 -2.03 0.51 16.38
C TYR A 249 -1.71 -0.55 17.42
N ASP A 250 -2.39 -1.69 17.35
CA ASP A 250 -1.98 -2.84 18.18
C ASP A 250 -1.43 -3.97 17.32
N CYS A 251 -0.18 -4.33 17.61
CA CYS A 251 0.68 -5.11 16.72
C CYS A 251 0.17 -6.54 16.36
N PRO A 252 -0.08 -7.41 17.38
CA PRO A 252 -0.74 -8.68 17.05
C PRO A 252 -2.25 -8.62 17.32
N PRO A 269 -4.29 -7.73 13.03
CA PRO A 269 -3.42 -6.57 13.25
C PRO A 269 -4.06 -5.28 12.70
N VAL A 270 -4.73 -4.53 13.57
CA VAL A 270 -5.53 -3.39 13.12
C VAL A 270 -4.89 -2.02 13.42
N ILE A 271 -5.21 -1.07 12.54
CA ILE A 271 -4.78 0.30 12.68
C ILE A 271 -5.99 1.21 12.41
N LYS A 272 -6.21 2.19 13.29
CA LYS A 272 -7.36 3.10 13.14
C LYS A 272 -6.92 4.54 13.37
N VAL A 273 -7.53 5.49 12.66
CA VAL A 273 -7.39 6.91 13.04
C VAL A 273 -8.67 7.44 13.68
N ALA A 274 -8.48 8.36 14.63
CA ALA A 274 -9.58 9.11 15.22
C ALA A 274 -9.33 10.60 15.07
N ALA A 275 -10.35 11.30 14.59
CA ALA A 275 -10.32 12.75 14.43
C ALA A 275 -11.03 13.39 15.62
N ILE A 276 -10.25 14.05 16.48
CA ILE A 276 -10.72 14.34 17.85
C ILE A 276 -10.94 15.78 18.24
N ASP A 277 -10.25 16.71 17.60
CA ASP A 277 -10.27 18.07 18.11
C ASP A 277 -10.72 18.98 16.99
N ASN A 278 -12.03 19.12 16.87
CA ASN A 278 -12.62 19.71 15.69
C ASN A 278 -13.41 20.96 16.02
N GLY A 279 -12.92 21.72 17.00
CA GLY A 279 -13.67 22.86 17.51
C GLY A 279 -13.45 24.14 16.75
N LEU A 280 -12.47 24.13 15.84
CA LEU A 280 -12.11 25.32 15.07
C LEU A 280 -12.31 25.15 13.55
N ALA A 281 -13.45 24.58 13.17
CA ALA A 281 -13.76 24.35 11.76
C ALA A 281 -14.93 25.20 11.26
N PHE A 282 -15.43 24.90 10.06
CA PHE A 282 -16.60 25.60 9.49
C PHE A 282 -16.40 27.11 9.47
N PRO A 283 -15.31 27.59 8.86
CA PRO A 283 -15.12 29.03 8.88
C PRO A 283 -16.15 29.68 7.96
N LEU A 284 -16.25 31.01 8.01
CA LEU A 284 -17.25 31.71 7.21
C LEU A 284 -16.64 32.44 6.01
N LYS A 285 -15.31 32.41 5.91
CA LYS A 285 -14.59 32.85 4.72
C LYS A 285 -13.25 32.16 4.73
N HIS A 286 -12.63 32.02 3.55
CA HIS A 286 -11.26 31.52 3.47
C HIS A 286 -10.34 32.50 4.12
N PRO A 287 -9.25 32.02 4.75
CA PRO A 287 -8.31 32.91 5.45
C PRO A 287 -7.73 33.93 4.49
N ASP A 288 -7.51 35.16 4.96
CA ASP A 288 -6.98 36.23 4.10
C ASP A 288 -5.69 35.79 3.41
N SER A 289 -4.77 35.19 4.16
CA SER A 289 -3.56 34.60 3.59
C SER A 289 -3.74 33.10 3.43
N TRP A 290 -3.30 32.58 2.28
CA TRP A 290 -3.31 31.14 2.07
C TRP A 290 -2.29 30.42 2.94
N ARG A 291 -1.28 31.13 3.42
CA ARG A 291 -0.25 30.53 4.27
C ARG A 291 -0.75 30.27 5.68
N ALA A 292 -1.76 31.02 6.11
CA ALA A 292 -2.31 30.84 7.46
C ALA A 292 -3.13 29.55 7.53
N TYR A 293 -3.14 28.93 8.70
CA TYR A 293 -3.95 27.73 8.95
C TYR A 293 -3.72 26.61 7.95
N PRO A 294 -2.50 26.07 7.86
CA PRO A 294 -2.36 24.97 6.92
C PRO A 294 -3.00 23.69 7.46
N PHE A 295 -3.22 22.71 6.60
CA PHE A 295 -3.50 21.33 7.04
C PHE A 295 -2.17 20.61 7.22
N TYR A 296 -1.72 20.44 8.47
CA TYR A 296 -0.36 19.93 8.70
C TYR A 296 -0.09 18.55 8.11
N TRP A 297 -1.13 17.79 7.80
CA TRP A 297 -0.92 16.50 7.19
C TRP A 297 -0.49 16.57 5.73
N ALA A 298 -0.49 17.77 5.15
CA ALA A 298 -0.10 17.93 3.76
C ALA A 298 1.41 17.78 3.52
N TRP A 299 2.21 17.98 4.57
CA TRP A 299 3.65 17.81 4.50
C TRP A 299 4.08 16.38 4.69
N LEU A 300 3.16 15.48 5.00
CA LEU A 300 3.49 14.08 5.17
C LEU A 300 3.64 13.43 3.80
N PRO A 301 4.42 12.34 3.72
CA PRO A 301 4.59 11.62 2.47
C PRO A 301 3.27 10.98 2.02
N GLN A 302 2.49 10.50 3.00
CA GLN A 302 1.18 9.93 2.75
C GLN A 302 0.33 10.86 1.87
N ALA A 303 0.53 12.17 2.00
CA ALA A 303 -0.28 13.15 1.26
C ALA A 303 -0.05 13.13 -0.24
N LYS A 304 1.07 12.54 -0.67
CA LYS A 304 1.46 12.52 -2.09
C LYS A 304 0.85 11.34 -2.83
N VAL A 305 0.32 10.38 -2.07
CA VAL A 305 -0.33 9.20 -2.64
C VAL A 305 -1.69 9.56 -3.23
N PRO A 306 -1.88 9.25 -4.53
CA PRO A 306 -3.17 9.55 -5.19
C PRO A 306 -4.35 8.91 -4.45
N PHE A 307 -5.50 9.57 -4.52
CA PHE A 307 -6.71 9.05 -3.90
C PHE A 307 -6.99 7.65 -4.44
N SER A 308 -7.40 6.76 -3.55
CA SER A 308 -7.71 5.40 -3.92
C SER A 308 -9.06 5.33 -4.63
N GLN A 309 -9.32 4.20 -5.27
CA GLN A 309 -10.63 3.92 -5.83
C GLN A 309 -11.69 3.85 -4.72
N GLU A 310 -11.34 3.24 -3.59
CA GLU A 310 -12.26 3.01 -2.47
C GLU A 310 -12.87 4.33 -2.02
N ILE A 311 -12.02 5.32 -1.79
CA ILE A 311 -12.49 6.64 -1.33
C ILE A 311 -13.34 7.34 -2.38
N LYS A 312 -12.97 7.18 -3.66
CA LYS A 312 -13.74 7.72 -4.77
C LYS A 312 -15.18 7.23 -4.82
N ASP A 313 -15.42 5.94 -4.66
CA ASP A 313 -16.81 5.50 -4.75
C ASP A 313 -17.54 5.49 -3.44
N LEU A 314 -16.88 5.91 -2.37
CA LEU A 314 -17.55 6.18 -1.11
C LEU A 314 -18.01 7.63 -1.08
N ILE A 315 -17.20 8.51 -1.66
CA ILE A 315 -17.43 9.96 -1.53
C ILE A 315 -18.09 10.63 -2.75
N LEU A 316 -17.75 10.19 -3.95
CA LEU A 316 -18.28 10.82 -5.15
C LEU A 316 -19.78 10.62 -5.35
N PRO A 317 -20.29 9.37 -5.20
CA PRO A 317 -21.74 9.23 -5.32
C PRO A 317 -22.48 10.19 -4.39
N LYS A 318 -21.80 10.71 -3.37
CA LYS A 318 -22.44 11.57 -2.40
C LYS A 318 -22.26 13.05 -2.74
N ILE A 319 -21.03 13.54 -2.71
CA ILE A 319 -20.78 14.99 -2.82
C ILE A 319 -21.04 15.56 -4.20
N SER A 320 -21.17 14.70 -5.21
CA SER A 320 -21.43 15.17 -6.56
C SER A 320 -22.91 15.05 -6.93
N ASP A 321 -23.76 15.12 -5.91
CA ASP A 321 -25.19 15.04 -6.06
C ASP A 321 -25.78 16.15 -5.21
N PRO A 322 -26.45 17.14 -5.86
CA PRO A 322 -26.92 18.38 -5.21
C PRO A 322 -27.86 18.11 -4.04
N ASN A 323 -28.66 17.05 -4.14
CA ASN A 323 -29.56 16.65 -3.06
C ASN A 323 -28.88 16.21 -1.77
N PHE A 324 -27.74 15.53 -1.91
CA PHE A 324 -26.95 15.14 -0.75
C PHE A 324 -26.42 16.40 -0.08
N VAL A 325 -25.80 17.26 -0.89
CA VAL A 325 -25.26 18.53 -0.41
C VAL A 325 -26.37 19.44 0.13
N LYS A 326 -27.57 19.37 -0.43
CA LYS A 326 -28.73 20.10 0.08
C LYS A 326 -29.13 19.55 1.45
N ASP A 327 -29.16 18.23 1.52
CA ASP A 327 -29.54 17.54 2.72
C ASP A 327 -28.53 17.78 3.83
N LEU A 328 -27.24 17.75 3.47
CA LEU A 328 -26.17 18.04 4.42
C LEU A 328 -26.33 19.45 4.99
N GLU A 329 -26.54 20.41 4.10
CA GLU A 329 -26.69 21.81 4.46
C GLU A 329 -27.88 22.04 5.39
N GLU A 330 -28.96 21.30 5.17
CA GLU A 330 -30.15 21.38 6.04
C GLU A 330 -29.87 20.80 7.42
N ASP A 331 -29.14 19.69 7.47
CA ASP A 331 -28.71 19.09 8.72
C ASP A 331 -27.88 20.05 9.56
N LEU A 332 -26.89 20.69 8.93
CA LEU A 332 -26.03 21.63 9.63
C LEU A 332 -26.83 22.82 10.13
N TYR A 333 -27.75 23.30 9.29
CA TYR A 333 -28.67 24.37 9.67
C TYR A 333 -29.41 23.98 10.95
N GLU A 334 -30.02 22.81 10.96
CA GLU A 334 -30.69 22.29 12.15
C GLU A 334 -29.81 22.36 13.38
N LEU A 335 -28.56 21.92 13.25
CA LEU A 335 -27.68 21.82 14.39
C LEU A 335 -27.26 23.19 14.87
N PHE A 336 -27.00 24.08 13.92
CA PHE A 336 -26.41 25.38 14.23
C PHE A 336 -27.43 26.37 14.78
N LYS A 337 -28.69 26.21 14.37
CA LYS A 337 -29.86 26.94 14.90
C LYS A 337 -29.91 27.00 16.42
N LYS A 338 -29.67 25.84 17.05
CA LYS A 338 -29.58 25.70 18.51
C LYS A 338 -29.00 26.93 19.22
N ASP A 339 -27.92 27.49 18.68
CA ASP A 339 -27.15 28.53 19.36
C ASP A 339 -27.89 29.87 19.55
N PRO A 340 -27.83 30.44 20.77
CA PRO A 340 -28.43 31.75 21.06
C PRO A 340 -27.94 32.82 20.07
N GLY A 341 -26.69 32.71 19.65
CA GLY A 341 -26.11 33.68 18.75
C GLY A 341 -26.17 33.35 17.28
N PHE A 342 -26.86 32.27 16.91
CA PHE A 342 -26.95 31.89 15.51
C PHE A 342 -27.31 33.09 14.66
N ASP A 343 -26.61 33.25 13.53
CA ASP A 343 -26.87 34.31 12.57
C ASP A 343 -27.01 33.70 11.16
N ARG A 344 -28.18 33.89 10.56
CA ARG A 344 -28.47 33.30 9.24
C ARG A 344 -27.51 33.83 8.16
N GLY A 345 -26.98 35.03 8.37
CA GLY A 345 -26.05 35.64 7.43
C GLY A 345 -24.74 34.87 7.42
N GLN A 346 -24.15 34.76 8.62
CA GLN A 346 -22.94 33.96 8.85
C GLN A 346 -23.08 32.54 8.33
N PHE A 347 -24.22 31.91 8.60
CA PHE A 347 -24.45 30.54 8.17
C PHE A 347 -24.31 30.35 6.66
N HIS A 348 -24.87 31.28 5.89
CA HIS A 348 -24.74 31.22 4.42
C HIS A 348 -23.31 31.38 3.94
N LYS A 349 -22.55 32.23 4.62
CA LYS A 349 -21.11 32.34 4.41
C LYS A 349 -20.37 31.03 4.71
N GLN A 350 -20.74 30.38 5.81
CA GLN A 350 -20.21 29.06 6.16
C GLN A 350 -20.51 28.03 5.10
N ILE A 351 -21.73 28.02 4.60
CA ILE A 351 -22.11 27.04 3.58
C ILE A 351 -21.47 27.31 2.22
N ALA A 352 -21.25 28.60 1.91
CA ALA A 352 -20.64 28.97 0.63
C ALA A 352 -19.17 28.51 0.58
N VAL A 353 -18.48 28.61 1.71
CA VAL A 353 -17.11 28.13 1.83
C VAL A 353 -17.08 26.61 1.61
N MET A 354 -17.93 25.91 2.35
CA MET A 354 -18.01 24.45 2.29
C MET A 354 -18.42 23.93 0.91
N ARG A 355 -19.24 24.70 0.21
CA ARG A 355 -19.66 24.37 -1.16
C ARG A 355 -18.45 24.40 -2.09
N GLY A 356 -17.62 25.41 -1.89
CA GLY A 356 -16.39 25.59 -2.67
C GLY A 356 -15.38 24.50 -2.39
N GLN A 357 -15.35 24.04 -1.15
CA GLN A 357 -14.48 22.94 -0.75
C GLN A 357 -14.95 21.64 -1.40
N ILE A 358 -16.27 21.43 -1.39
CA ILE A 358 -16.85 20.25 -2.00
C ILE A 358 -16.50 20.23 -3.47
N LEU A 359 -16.54 21.40 -4.09
CA LEU A 359 -16.31 21.54 -5.53
C LEU A 359 -14.89 21.15 -5.92
N ASN A 360 -13.90 21.71 -5.21
CA ASN A 360 -12.51 21.33 -5.38
C ASN A 360 -12.29 19.84 -5.17
N LEU A 361 -12.84 19.31 -4.08
CA LEU A 361 -12.71 17.90 -3.72
C LEU A 361 -13.19 17.00 -4.84
N THR A 362 -14.35 17.35 -5.41
CA THR A 362 -14.93 16.59 -6.52
C THR A 362 -13.93 16.48 -7.68
N GLN A 363 -13.42 17.62 -8.14
CA GLN A 363 -12.43 17.63 -9.20
C GLN A 363 -11.24 16.71 -8.85
N ALA A 364 -10.57 16.99 -7.75
CA ALA A 364 -9.43 16.20 -7.29
C ALA A 364 -9.76 14.70 -7.20
N LEU A 365 -10.98 14.38 -6.78
CA LEU A 365 -11.45 13.00 -6.73
C LEU A 365 -11.62 12.38 -8.12
N LYS A 366 -12.12 13.17 -9.06
CA LYS A 366 -12.32 12.71 -10.44
C LYS A 366 -11.01 12.53 -11.19
N ASP A 367 -10.07 13.48 -11.01
CA ASP A 367 -8.80 13.48 -11.74
C ASP A 367 -7.66 12.77 -11.04
N ASN A 368 -7.98 11.88 -10.10
CA ASN A 368 -6.97 11.10 -9.34
C ASN A 368 -5.85 11.91 -8.68
N LYS A 369 -6.11 13.17 -8.33
CA LYS A 369 -5.16 13.98 -7.60
C LYS A 369 -4.89 13.40 -6.21
N SER A 370 -3.83 13.86 -5.56
CA SER A 370 -3.51 13.46 -4.19
C SER A 370 -3.99 14.52 -3.20
N PRO A 371 -4.04 14.17 -1.90
CA PRO A 371 -4.26 15.18 -0.88
C PRO A 371 -3.38 16.43 -1.06
N LEU A 372 -2.11 16.26 -1.40
CA LEU A 372 -1.21 17.40 -1.58
C LEU A 372 -1.67 18.33 -2.70
N HIS A 373 -2.06 17.76 -3.84
CA HIS A 373 -2.56 18.57 -4.96
C HIS A 373 -3.84 19.25 -4.60
N LEU A 374 -4.74 18.52 -3.95
CA LEU A 374 -5.97 19.11 -3.45
C LEU A 374 -5.74 20.39 -2.64
N VAL A 375 -4.83 20.34 -1.66
CA VAL A 375 -4.64 21.53 -0.80
C VAL A 375 -3.96 22.66 -1.57
N GLN A 376 -3.37 22.34 -2.72
CA GLN A 376 -2.75 23.37 -3.53
C GLN A 376 -3.72 24.11 -4.45
N MET A 377 -4.91 23.52 -4.66
CA MET A 377 -5.92 24.15 -5.50
C MET A 377 -6.32 25.47 -4.87
N PRO A 378 -6.71 26.46 -5.69
CA PRO A 378 -7.07 27.75 -5.09
C PRO A 378 -8.44 27.70 -4.39
N PRO A 379 -8.54 28.35 -3.21
CA PRO A 379 -9.80 28.46 -2.46
C PRO A 379 -10.93 29.00 -3.32
N VAL A 380 -12.08 28.35 -3.31
CA VAL A 380 -13.26 28.86 -4.03
C VAL A 380 -14.49 29.04 -3.12
N ILE A 381 -15.28 30.06 -3.42
CA ILE A 381 -16.54 30.31 -2.73
C ILE A 381 -17.70 30.09 -3.70
N VAL A 382 -18.77 29.45 -3.25
CA VAL A 382 -19.92 29.18 -4.10
C VAL A 382 -21.23 29.74 -3.52
N GLU A 383 -21.66 30.90 -4.04
CA GLU A 383 -22.81 31.62 -3.49
C GLU A 383 -24.15 31.21 -4.09
N THR A 384 -25.13 30.98 -3.22
CA THR A 384 -26.49 30.65 -3.61
C THR A 384 -27.49 31.64 -2.98
N GLY B 1 37.00 -66.96 -47.75
CA GLY B 1 35.60 -67.42 -48.01
C GLY B 1 35.30 -67.66 -49.48
N PRO B 2 34.13 -68.28 -49.77
CA PRO B 2 33.75 -68.54 -51.16
C PRO B 2 33.15 -67.30 -51.82
N LEU B 3 33.98 -66.55 -52.53
CA LEU B 3 33.60 -65.26 -53.11
C LEU B 3 32.50 -65.36 -54.19
N GLY B 4 32.57 -66.39 -55.03
CA GLY B 4 31.61 -66.57 -56.11
C GLY B 4 30.27 -67.18 -55.76
N SER B 5 30.10 -67.56 -54.49
CA SER B 5 28.85 -68.16 -54.01
C SER B 5 27.75 -67.12 -53.81
N PRO B 6 26.48 -67.51 -54.07
CA PRO B 6 25.36 -66.59 -53.80
C PRO B 6 25.12 -66.36 -52.32
N GLU B 7 25.46 -67.36 -51.50
CA GLU B 7 25.33 -67.26 -50.04
C GLU B 7 26.27 -66.21 -49.44
N PHE B 8 27.48 -66.10 -50.00
CA PHE B 8 28.45 -65.12 -49.52
C PHE B 8 28.05 -63.68 -49.87
N ALA B 9 27.44 -63.51 -51.04
CA ALA B 9 26.93 -62.23 -51.49
C ALA B 9 25.80 -61.78 -50.59
N ALA B 10 24.92 -62.70 -50.23
CA ALA B 10 23.84 -62.45 -49.27
C ALA B 10 24.39 -62.09 -47.89
N GLN B 11 25.44 -62.81 -47.47
CA GLN B 11 26.07 -62.53 -46.19
C GLN B 11 26.74 -61.15 -46.17
N ALA B 12 27.47 -60.84 -47.23
CA ALA B 12 28.17 -59.56 -47.35
C ALA B 12 27.22 -58.36 -47.45
N GLN B 13 26.09 -58.57 -48.14
CA GLN B 13 25.03 -57.56 -48.22
C GLN B 13 24.36 -57.33 -46.86
N ALA B 14 24.13 -58.41 -46.13
CA ALA B 14 23.56 -58.34 -44.78
C ALA B 14 24.41 -57.45 -43.87
N LEU B 15 25.74 -57.65 -43.92
CA LEU B 15 26.68 -56.81 -43.17
C LEU B 15 26.74 -55.37 -43.69
N ALA B 16 26.68 -55.21 -45.01
CA ALA B 16 26.69 -53.90 -45.66
C ALA B 16 25.51 -53.03 -45.23
N ALA B 17 24.34 -53.65 -45.11
CA ALA B 17 23.10 -52.96 -44.73
C ALA B 17 23.10 -52.50 -43.27
N GLN B 18 23.65 -53.34 -42.39
CA GLN B 18 23.72 -53.04 -40.96
C GLN B 18 24.95 -52.19 -40.57
N ALA B 19 25.95 -52.16 -41.45
CA ALA B 19 27.07 -51.22 -41.28
C ALA B 19 26.59 -49.80 -41.63
N ALA B 20 25.82 -49.71 -42.72
CA ALA B 20 25.17 -48.47 -43.14
C ALA B 20 24.13 -48.01 -42.12
N ALA B 21 23.36 -48.95 -41.57
CA ALA B 21 22.34 -48.63 -40.57
C ALA B 21 22.96 -48.00 -39.32
N ALA B 22 24.14 -48.48 -38.94
CA ALA B 22 24.89 -47.95 -37.80
C ALA B 22 25.46 -46.58 -38.10
N ALA B 23 26.08 -46.43 -39.27
CA ALA B 23 26.72 -45.18 -39.69
C ALA B 23 25.75 -43.98 -39.65
N HIS B 24 24.52 -44.19 -40.12
CA HIS B 24 23.50 -43.15 -40.08
C HIS B 24 23.03 -42.84 -38.69
N ALA B 25 22.86 -43.87 -37.87
CA ALA B 25 22.36 -43.73 -36.50
C ALA B 25 23.40 -43.10 -35.58
N ALA B 26 24.68 -43.36 -35.84
CA ALA B 26 25.77 -42.85 -35.03
C ALA B 26 26.19 -41.44 -35.44
N GLN B 27 25.52 -40.88 -36.46
CA GLN B 27 25.78 -39.52 -36.91
C GLN B 27 24.57 -38.59 -36.89
N ALA B 28 23.43 -39.11 -36.42
CA ALA B 28 22.22 -38.32 -36.23
C ALA B 28 22.11 -37.87 -34.78
N HIS B 29 21.82 -36.59 -34.58
CA HIS B 29 21.59 -36.04 -33.23
C HIS B 29 20.35 -36.61 -32.61
N ARG B 30 20.27 -36.54 -31.29
CA ARG B 30 19.15 -37.15 -30.56
C ARG B 30 18.02 -36.17 -30.23
N GLU B 31 17.33 -35.69 -31.28
CA GLU B 31 16.17 -34.78 -31.18
C GLU B 31 16.25 -33.77 -30.03
N ARG B 32 17.43 -33.19 -29.85
CA ARG B 32 17.84 -32.47 -28.63
C ARG B 32 16.81 -31.57 -27.95
N ASN B 33 16.08 -30.78 -28.72
CA ASN B 33 15.23 -29.73 -28.14
C ASN B 33 13.83 -30.18 -27.76
N GLU B 34 13.76 -31.22 -26.94
CA GLU B 34 12.47 -31.73 -26.47
C GLU B 34 12.30 -31.50 -24.97
N PHE B 35 11.21 -30.83 -24.62
CA PHE B 35 10.83 -30.65 -23.23
C PHE B 35 9.36 -31.04 -23.09
N PRO B 36 9.10 -32.34 -22.83
CA PRO B 36 7.73 -32.77 -22.60
C PRO B 36 7.01 -31.87 -21.58
N GLU B 37 7.78 -31.34 -20.63
CA GLU B 37 7.23 -30.59 -19.50
C GLU B 37 6.52 -29.31 -19.88
N ASP B 38 7.12 -28.51 -20.76
CA ASP B 38 6.49 -27.25 -21.18
C ASP B 38 6.35 -27.24 -22.70
N PRO B 39 5.27 -27.84 -23.22
CA PRO B 39 5.08 -27.91 -24.67
C PRO B 39 4.73 -26.56 -25.29
N GLU B 40 4.37 -25.58 -24.46
CA GLU B 40 4.22 -24.21 -24.93
C GLU B 40 5.60 -23.64 -25.27
N PHE B 41 6.60 -24.02 -24.48
CA PHE B 41 7.98 -23.56 -24.65
C PHE B 41 8.64 -24.27 -25.83
N GLU B 42 8.40 -25.57 -25.96
CA GLU B 42 8.82 -26.33 -27.12
C GLU B 42 8.17 -25.80 -28.39
N ALA B 43 6.94 -25.28 -28.30
CA ALA B 43 6.25 -24.70 -29.46
C ALA B 43 7.06 -23.54 -30.05
N VAL B 44 7.44 -22.59 -29.20
CA VAL B 44 8.20 -21.41 -29.63
C VAL B 44 9.66 -21.72 -29.99
N VAL B 45 10.19 -22.83 -29.45
CA VAL B 45 11.54 -23.30 -29.81
C VAL B 45 11.54 -23.90 -31.21
N ARG B 46 10.49 -24.65 -31.54
CA ARG B 46 10.33 -25.23 -32.87
C ARG B 46 10.07 -24.11 -33.87
N GLN B 47 9.21 -23.16 -33.47
CA GLN B 47 8.87 -22.02 -34.31
C GLN B 47 10.12 -21.22 -34.65
N ALA B 48 11.08 -21.21 -33.73
CA ALA B 48 12.37 -20.55 -33.95
C ALA B 48 13.20 -21.30 -34.98
N GLU B 49 13.35 -22.61 -34.81
CA GLU B 49 14.09 -23.48 -35.74
C GLU B 49 13.57 -23.32 -37.18
N LEU B 50 12.28 -23.05 -37.28
CA LEU B 50 11.56 -22.94 -38.55
C LEU B 50 11.62 -21.50 -39.10
N ALA B 51 12.34 -20.62 -38.41
CA ALA B 51 12.55 -19.25 -38.86
C ALA B 51 13.94 -19.09 -39.48
N ILE B 52 14.95 -19.67 -38.81
CA ILE B 52 16.31 -19.73 -39.35
C ILE B 52 16.30 -20.52 -40.65
N GLU B 53 15.53 -21.61 -40.64
CA GLU B 53 15.38 -22.50 -41.79
C GLU B 53 14.83 -21.75 -43.00
N ARG B 54 13.82 -20.91 -42.75
CA ARG B 54 13.21 -20.09 -43.80
C ARG B 54 13.89 -18.72 -43.90
N CYS B 55 15.17 -18.69 -43.50
CA CYS B 55 16.05 -17.53 -43.64
C CYS B 55 15.58 -16.22 -42.98
N ILE B 56 15.07 -16.32 -41.75
CA ILE B 56 14.91 -15.15 -40.88
C ILE B 56 15.70 -15.39 -39.60
N PHE B 57 16.86 -14.74 -39.51
CA PHE B 57 17.86 -15.04 -38.47
C PHE B 57 17.78 -14.08 -37.28
N PRO B 58 18.12 -14.58 -36.07
CA PRO B 58 18.23 -13.76 -34.86
C PRO B 58 19.31 -12.67 -34.96
N GLU B 59 18.96 -11.45 -34.54
CA GLU B 59 19.89 -10.31 -34.52
C GLU B 59 20.77 -10.30 -33.27
N ARG B 60 21.94 -9.69 -33.38
CA ARG B 60 22.73 -9.36 -32.22
C ARG B 60 21.97 -8.30 -31.42
N ILE B 61 22.15 -8.28 -30.10
CA ILE B 61 21.49 -7.26 -29.26
C ILE B 61 22.21 -5.93 -29.39
N TYR B 62 23.47 -5.89 -28.99
CA TYR B 62 24.33 -4.77 -29.33
C TYR B 62 25.12 -5.18 -30.57
N GLN B 63 25.05 -4.33 -31.59
CA GLN B 63 25.62 -4.61 -32.92
C GLN B 63 27.12 -4.94 -32.90
N GLY B 64 27.82 -4.40 -31.89
CA GLY B 64 29.27 -4.60 -31.71
C GLY B 64 29.65 -5.66 -30.68
N SER B 65 28.84 -5.82 -29.64
CA SER B 65 29.00 -6.91 -28.68
C SER B 65 28.43 -8.20 -29.28
N SER B 66 28.54 -9.30 -28.56
CA SER B 66 27.77 -10.51 -28.87
C SER B 66 27.44 -11.30 -27.59
N GLY B 67 26.99 -12.53 -27.76
CA GLY B 67 26.62 -13.37 -26.63
C GLY B 67 25.12 -13.45 -26.53
N SER B 68 24.44 -12.44 -27.06
CA SER B 68 23.01 -12.29 -26.86
C SER B 68 22.30 -11.98 -28.16
N TYR B 69 21.26 -12.74 -28.45
CA TYR B 69 20.55 -12.62 -29.72
C TYR B 69 19.03 -12.55 -29.55
N PHE B 70 18.41 -11.57 -30.20
CA PHE B 70 16.94 -11.51 -30.27
C PHE B 70 16.43 -12.51 -31.32
N VAL B 71 16.10 -13.73 -30.88
CA VAL B 71 15.52 -14.76 -31.75
C VAL B 71 14.18 -14.27 -32.34
N LYS B 72 13.87 -14.72 -33.55
CA LYS B 72 12.74 -14.17 -34.30
C LYS B 72 11.70 -15.17 -34.77
N ASP B 73 10.49 -14.66 -34.93
CA ASP B 73 9.36 -15.38 -35.49
C ASP B 73 9.54 -15.49 -37.00
N PRO B 74 9.10 -16.62 -37.60
CA PRO B 74 8.98 -16.72 -39.06
C PRO B 74 8.17 -15.57 -39.68
N GLN B 75 7.36 -14.90 -38.87
CA GLN B 75 6.62 -13.73 -39.30
C GLN B 75 7.44 -12.44 -39.18
N GLY B 76 8.39 -12.41 -38.24
CA GLY B 76 9.28 -11.27 -38.10
C GLY B 76 9.61 -10.84 -36.68
N ARG B 77 8.59 -10.84 -35.81
CA ARG B 77 8.71 -10.32 -34.45
C ARG B 77 9.66 -11.11 -33.55
N ILE B 78 10.20 -10.44 -32.54
CA ILE B 78 11.11 -11.03 -31.55
C ILE B 78 10.33 -11.96 -30.63
N ILE B 79 10.86 -13.15 -30.37
CA ILE B 79 10.18 -14.13 -29.52
C ILE B 79 11.05 -14.82 -28.45
N ALA B 80 12.33 -14.48 -28.36
CA ALA B 80 13.23 -15.09 -27.38
C ALA B 80 14.60 -14.42 -27.33
N VAL B 81 15.35 -14.73 -26.28
CA VAL B 81 16.71 -14.21 -26.10
C VAL B 81 17.68 -15.37 -25.91
N PHE B 82 18.47 -15.63 -26.94
CA PHE B 82 19.42 -16.73 -26.93
C PHE B 82 20.81 -16.27 -26.55
N LYS B 83 21.46 -17.03 -25.67
CA LYS B 83 22.79 -16.69 -25.19
C LYS B 83 23.67 -17.95 -25.20
N PRO B 84 24.35 -18.20 -26.33
CA PRO B 84 25.24 -19.36 -26.46
C PRO B 84 26.39 -19.41 -25.44
N LYS B 85 26.59 -20.59 -24.85
CA LYS B 85 27.66 -20.86 -23.90
C LYS B 85 29.02 -20.39 -24.39
N ASN B 86 29.40 -20.81 -25.60
CA ASN B 86 30.74 -20.51 -26.13
C ASN B 86 30.92 -19.05 -26.61
N GLU B 87 29.94 -18.20 -26.31
CA GLU B 87 30.09 -16.77 -26.59
C GLU B 87 30.07 -15.96 -25.31
N GLU B 88 30.04 -16.65 -24.17
CA GLU B 88 30.18 -15.99 -22.87
C GLU B 88 31.63 -15.54 -22.68
N PRO B 89 31.85 -14.46 -21.91
CA PRO B 89 33.17 -13.93 -21.63
C PRO B 89 34.33 -14.92 -21.75
N TYR B 90 34.22 -16.08 -21.11
CA TYR B 90 35.33 -17.03 -21.13
C TYR B 90 34.98 -18.32 -21.87
N GLY B 91 34.35 -18.17 -23.03
CA GLY B 91 33.85 -19.31 -23.79
C GLY B 91 34.72 -19.76 -24.94
N HIS B 92 35.99 -20.00 -24.68
CA HIS B 92 36.93 -20.41 -25.73
C HIS B 92 37.85 -21.50 -25.27
N LEU B 93 37.42 -22.24 -24.25
CA LEU B 93 38.30 -23.14 -23.51
C LEU B 93 37.91 -24.63 -23.62
N ASN B 94 38.92 -25.49 -23.69
CA ASN B 94 38.72 -26.94 -23.79
C ASN B 94 38.25 -27.56 -22.46
N PRO B 95 37.48 -28.67 -22.50
CA PRO B 95 37.14 -29.46 -21.30
C PRO B 95 38.33 -29.97 -20.49
N LYS B 96 39.50 -30.05 -21.12
CA LYS B 96 40.76 -30.39 -20.45
C LYS B 96 41.37 -29.16 -19.78
N TRP B 97 41.14 -27.98 -20.37
CA TRP B 97 41.60 -26.70 -19.80
C TRP B 97 40.84 -26.33 -18.56
N THR B 98 39.53 -26.59 -18.56
CA THR B 98 38.69 -26.34 -17.38
C THR B 98 39.00 -27.33 -16.25
N LYS B 99 39.35 -28.55 -16.61
CA LYS B 99 39.77 -29.58 -15.64
C LYS B 99 41.29 -29.55 -15.40
N TRP B 100 41.91 -28.41 -15.75
CA TRP B 100 43.31 -28.13 -15.44
C TRP B 100 43.40 -27.42 -14.11
N LEU B 101 42.40 -26.59 -13.81
CA LEU B 101 42.31 -25.88 -12.54
C LEU B 101 41.63 -26.75 -11.47
N GLN B 102 41.46 -28.04 -11.77
CA GLN B 102 40.87 -29.01 -10.84
C GLN B 102 41.94 -29.93 -10.25
N LYS B 103 42.66 -30.65 -11.13
CA LYS B 103 43.79 -31.49 -10.75
C LYS B 103 44.81 -31.60 -11.88
N PHE B 110 38.83 -21.07 -7.00
CA PHE B 110 40.21 -20.62 -7.02
C PHE B 110 40.45 -19.64 -8.19
N GLY B 111 41.02 -18.46 -7.93
CA GLY B 111 41.53 -18.03 -6.62
C GLY B 111 40.52 -17.25 -5.80
N ARG B 112 40.25 -16.00 -6.20
CA ARG B 112 39.18 -15.21 -5.57
C ARG B 112 37.83 -15.46 -6.25
N ASP B 113 37.85 -15.56 -7.58
CA ASP B 113 36.66 -15.80 -8.40
C ASP B 113 35.76 -16.84 -7.74
N CYS B 114 34.53 -16.45 -7.46
CA CYS B 114 33.58 -17.32 -6.76
C CYS B 114 32.44 -17.83 -7.64
N LEU B 115 32.54 -17.59 -8.94
CA LEU B 115 31.63 -18.19 -9.90
C LEU B 115 32.33 -19.24 -10.72
N VAL B 116 31.67 -20.37 -10.86
CA VAL B 116 32.03 -21.39 -11.84
C VAL B 116 32.35 -20.78 -13.20
N LEU B 117 33.24 -21.45 -13.96
CA LEU B 117 33.88 -20.82 -15.11
C LEU B 117 33.02 -20.44 -16.33
N ASN B 118 32.41 -21.41 -17.01
CA ASN B 118 31.70 -21.11 -18.24
C ASN B 118 30.28 -21.69 -18.24
N GLN B 119 29.53 -21.41 -17.17
CA GLN B 119 28.20 -22.00 -16.99
C GLN B 119 27.15 -20.92 -16.78
N GLY B 120 27.34 -19.81 -17.49
CA GLY B 120 26.41 -18.70 -17.43
C GLY B 120 25.03 -19.13 -17.89
N TYR B 121 24.98 -19.78 -19.05
CA TYR B 121 23.72 -20.26 -19.58
C TYR B 121 22.94 -21.17 -18.62
N LEU B 122 23.64 -21.96 -17.81
CA LEU B 122 22.99 -22.83 -16.81
C LEU B 122 22.49 -22.03 -15.59
N SER B 123 23.25 -21.01 -15.17
CA SER B 123 22.78 -20.06 -14.16
C SER B 123 21.47 -19.42 -14.65
N GLU B 124 21.44 -19.09 -15.94
CA GLU B 124 20.28 -18.48 -16.55
C GLU B 124 19.09 -19.44 -16.45
N ALA B 125 19.32 -20.70 -16.84
CA ALA B 125 18.27 -21.74 -16.81
C ALA B 125 17.90 -22.15 -15.38
N GLY B 126 18.89 -22.26 -14.51
CA GLY B 126 18.67 -22.60 -13.10
C GLY B 126 17.77 -21.61 -12.37
N ALA B 127 17.90 -20.33 -12.74
CA ALA B 127 17.06 -19.25 -12.22
C ALA B 127 15.61 -19.49 -12.58
N SER B 128 15.34 -19.91 -13.81
CA SER B 128 13.98 -20.19 -14.25
C SER B 128 13.45 -21.47 -13.60
N LEU B 129 14.36 -22.37 -13.28
CA LEU B 129 14.00 -23.59 -12.57
C LEU B 129 13.58 -23.28 -11.13
N VAL B 130 14.39 -22.48 -10.42
CA VAL B 130 14.11 -22.11 -9.04
C VAL B 130 12.79 -21.33 -8.95
N ASP B 131 12.60 -20.42 -9.90
CA ASP B 131 11.37 -19.67 -10.05
C ASP B 131 10.15 -20.59 -10.18
N GLN B 132 10.21 -21.58 -11.07
CA GLN B 132 9.10 -22.51 -11.29
C GLN B 132 8.68 -23.27 -10.05
N LYS B 133 9.65 -23.83 -9.33
CA LYS B 133 9.35 -24.64 -8.15
C LYS B 133 8.74 -23.81 -7.03
N LEU B 134 9.17 -22.56 -6.96
CA LEU B 134 8.70 -21.61 -5.95
C LEU B 134 7.42 -20.93 -6.40
N GLU B 135 7.10 -21.10 -7.68
CA GLU B 135 5.92 -20.49 -8.31
C GLU B 135 5.93 -18.97 -8.23
N LEU B 136 7.10 -18.37 -8.50
CA LEU B 136 7.26 -16.91 -8.41
C LEU B 136 6.72 -16.18 -9.65
N ASN B 137 6.88 -16.81 -10.81
CA ASN B 137 6.44 -16.23 -12.08
C ASN B 137 7.02 -14.85 -12.38
N ILE B 138 8.29 -14.65 -12.05
CA ILE B 138 8.96 -13.39 -12.36
C ILE B 138 10.04 -13.56 -13.45
N VAL B 139 10.62 -14.76 -13.54
CA VAL B 139 11.64 -15.08 -14.55
C VAL B 139 11.01 -15.75 -15.77
N PRO B 140 11.08 -15.09 -16.94
CA PRO B 140 10.48 -15.68 -18.15
C PRO B 140 11.14 -17.03 -18.38
N ARG B 141 10.36 -18.03 -18.81
CA ARG B 141 10.87 -19.39 -18.90
C ARG B 141 12.14 -19.45 -19.76
N THR B 142 13.21 -19.96 -19.17
CA THR B 142 14.46 -20.11 -19.86
C THR B 142 14.97 -21.53 -19.68
N LYS B 143 15.39 -22.14 -20.79
CA LYS B 143 15.91 -23.50 -20.76
C LYS B 143 17.09 -23.67 -21.71
N VAL B 144 17.91 -24.68 -21.44
CA VAL B 144 19.07 -25.03 -22.28
C VAL B 144 18.59 -25.47 -23.64
N VAL B 145 19.09 -24.84 -24.68
CA VAL B 145 18.65 -25.13 -26.04
C VAL B 145 19.83 -25.13 -27.04
N TYR B 146 19.72 -25.98 -28.07
CA TYR B 146 20.70 -26.04 -29.16
C TYR B 146 20.19 -25.31 -30.39
N LEU B 147 20.98 -24.36 -30.89
CA LEU B 147 20.63 -23.64 -32.11
C LEU B 147 21.83 -23.44 -33.01
N ALA B 148 21.56 -23.41 -34.32
CA ALA B 148 22.55 -23.07 -35.33
C ALA B 148 22.05 -21.86 -36.15
N SER B 149 22.89 -20.84 -36.30
CA SER B 149 22.58 -19.69 -37.16
C SER B 149 23.79 -18.98 -37.75
N GLU B 150 23.63 -18.52 -38.99
CA GLU B 150 24.63 -17.76 -39.75
C GLU B 150 25.04 -16.49 -39.02
N THR B 151 24.11 -15.93 -38.25
CA THR B 151 24.34 -14.69 -37.51
C THR B 151 25.17 -14.89 -36.25
N PHE B 152 25.16 -16.10 -35.68
CA PHE B 152 26.02 -16.40 -34.51
C PHE B 152 27.46 -16.18 -34.88
N ASN B 153 28.30 -16.09 -33.85
CA ASN B 153 29.72 -15.93 -34.06
C ASN B 153 30.40 -17.29 -34.21
N TYR B 154 30.30 -17.87 -35.41
CA TYR B 154 31.05 -19.06 -35.79
C TYR B 154 32.35 -18.63 -36.47
N SER B 155 33.34 -19.52 -36.47
CA SER B 155 34.59 -19.26 -37.17
C SER B 155 34.46 -19.49 -38.69
N ALA B 156 35.38 -18.93 -39.45
CA ALA B 156 35.37 -19.05 -40.92
C ALA B 156 35.66 -20.46 -41.38
N ILE B 157 36.31 -21.23 -40.50
CA ILE B 157 36.54 -22.67 -40.66
C ILE B 157 35.20 -23.39 -40.92
N ASP B 158 34.24 -23.10 -40.05
CA ASP B 158 32.95 -23.78 -40.03
C ASP B 158 31.99 -23.15 -41.01
N ARG B 159 32.12 -21.84 -41.22
CA ARG B 159 31.25 -21.12 -42.17
C ARG B 159 31.43 -21.61 -43.61
N VAL B 160 32.66 -22.02 -43.95
CA VAL B 160 32.90 -22.71 -45.22
C VAL B 160 32.46 -24.17 -45.08
N LYS B 161 32.92 -24.84 -44.01
CA LYS B 161 32.63 -26.26 -43.76
C LYS B 161 31.14 -26.57 -43.67
N SER B 162 30.31 -25.54 -43.49
CA SER B 162 28.87 -25.67 -43.63
C SER B 162 28.52 -25.89 -45.11
N ARG B 163 29.55 -25.93 -45.96
CA ARG B 163 29.53 -26.64 -47.23
C ARG B 163 28.36 -26.39 -48.20
N GLY B 164 27.80 -27.48 -48.72
CA GLY B 164 26.59 -27.46 -49.53
C GLY B 164 26.28 -28.84 -50.06
N LEU B 184 26.86 -26.54 -39.74
CA LEU B 184 27.28 -25.71 -38.60
C LEU B 184 26.99 -26.45 -37.29
N PRO B 185 28.03 -26.64 -36.44
CA PRO B 185 27.82 -27.43 -35.23
C PRO B 185 26.96 -26.65 -34.21
N PRO B 186 25.72 -27.10 -33.96
CA PRO B 186 24.77 -26.28 -33.18
C PRO B 186 25.31 -25.88 -31.80
N LYS B 187 24.98 -24.66 -31.37
CA LYS B 187 25.45 -24.12 -30.10
C LYS B 187 24.46 -24.43 -28.98
N VAL B 188 24.98 -24.92 -27.85
CA VAL B 188 24.21 -24.99 -26.63
C VAL B 188 24.15 -23.57 -26.04
N GLY B 189 22.95 -23.09 -25.72
CA GLY B 189 22.80 -21.79 -25.08
C GLY B 189 21.61 -21.71 -24.14
N SER B 190 21.34 -20.51 -23.63
CA SER B 190 20.18 -20.24 -22.82
C SER B 190 19.10 -19.63 -23.71
N PHE B 191 17.90 -20.21 -23.69
CA PHE B 191 16.81 -19.76 -24.52
C PHE B 191 15.68 -19.22 -23.64
N GLN B 192 15.51 -17.90 -23.62
CA GLN B 192 14.53 -17.27 -22.73
C GLN B 192 13.43 -16.56 -23.49
N LEU B 193 12.18 -16.87 -23.15
CA LEU B 193 11.01 -16.19 -23.70
C LEU B 193 11.06 -14.67 -23.59
N PHE B 194 10.68 -14.01 -24.68
CA PHE B 194 10.69 -12.55 -24.77
C PHE B 194 9.42 -11.99 -24.14
N VAL B 195 9.56 -10.87 -23.44
CA VAL B 195 8.42 -10.22 -22.80
C VAL B 195 8.34 -8.77 -23.25
N GLU B 196 7.12 -8.26 -23.47
CA GLU B 196 6.95 -6.98 -24.14
C GLU B 196 6.57 -5.80 -23.25
N GLY B 197 7.21 -4.67 -23.50
CA GLY B 197 6.82 -3.41 -22.87
C GLY B 197 7.21 -3.29 -21.41
N TYR B 198 8.32 -3.92 -21.03
CA TYR B 198 8.94 -3.70 -19.72
C TYR B 198 9.97 -2.57 -19.81
N LYS B 199 10.37 -2.02 -18.67
CA LYS B 199 11.41 -1.02 -18.66
C LYS B 199 12.41 -1.27 -17.54
N ASP B 200 13.58 -0.66 -17.65
CA ASP B 200 14.53 -0.62 -16.53
C ASP B 200 13.81 -0.39 -15.23
N ALA B 201 14.09 -1.21 -14.23
CA ALA B 201 13.41 -1.05 -12.95
C ALA B 201 13.49 0.38 -12.45
N ASP B 202 14.68 0.98 -12.52
CA ASP B 202 14.84 2.29 -11.91
C ASP B 202 14.37 3.45 -12.77
N TYR B 203 13.97 3.17 -14.00
CA TYR B 203 13.24 4.16 -14.77
C TYR B 203 11.93 4.48 -14.04
N TRP B 204 11.18 3.43 -13.71
CA TRP B 204 9.90 3.58 -13.02
C TRP B 204 10.08 3.96 -11.59
N LEU B 205 11.04 3.36 -10.90
CA LEU B 205 11.31 3.71 -9.50
C LEU B 205 11.50 5.22 -9.29
N ARG B 206 12.31 5.83 -10.16
CA ARG B 206 12.55 7.27 -10.12
C ARG B 206 11.27 8.08 -10.35
N ARG B 207 10.45 7.59 -11.27
CA ARG B 207 9.16 8.20 -11.56
C ARG B 207 8.18 8.03 -10.40
N PHE B 208 8.21 6.88 -9.74
CA PHE B 208 7.35 6.68 -8.57
C PHE B 208 7.75 7.56 -7.38
N GLU B 209 9.01 7.96 -7.29
CA GLU B 209 9.44 8.94 -6.30
C GLU B 209 8.80 10.29 -6.63
N ALA B 210 8.88 10.67 -7.90
CA ALA B 210 8.31 11.92 -8.38
C ALA B 210 6.78 11.94 -8.21
N GLU B 211 6.10 11.05 -8.93
CA GLU B 211 4.66 10.88 -8.89
C GLU B 211 4.39 9.48 -8.27
N PRO B 212 4.01 9.43 -6.98
CA PRO B 212 3.71 8.13 -6.37
C PRO B 212 2.51 7.38 -6.97
N LEU B 213 2.54 6.06 -6.82
CA LEU B 213 1.48 5.18 -7.33
C LEU B 213 0.29 5.20 -6.40
N PRO B 214 -0.92 4.97 -6.94
CA PRO B 214 -2.06 4.68 -6.07
C PRO B 214 -1.69 3.48 -5.20
N GLU B 215 -2.21 3.43 -3.98
CA GLU B 215 -1.76 2.45 -3.01
C GLU B 215 -1.96 1.00 -3.48
N ASN B 216 -3.09 0.73 -4.11
CA ASN B 216 -3.35 -0.63 -4.60
C ASN B 216 -2.32 -1.12 -5.61
N THR B 217 -1.93 -0.25 -6.54
CA THR B 217 -0.86 -0.60 -7.45
C THR B 217 0.43 -0.77 -6.68
N ASN B 218 0.71 0.13 -5.74
CA ASN B 218 1.94 0.06 -4.97
C ASN B 218 2.07 -1.25 -4.20
N ARG B 219 0.97 -1.69 -3.59
CA ARG B 219 0.92 -2.99 -2.93
C ARG B 219 1.28 -4.13 -3.89
N GLN B 220 0.74 -4.04 -5.10
CA GLN B 220 0.99 -5.01 -6.15
C GLN B 220 2.50 -5.08 -6.45
N LEU B 221 3.09 -3.90 -6.62
CA LEU B 221 4.52 -3.73 -6.90
C LEU B 221 5.36 -4.38 -5.82
N LEU B 222 5.01 -4.17 -4.56
CA LEU B 222 5.74 -4.75 -3.45
C LEU B 222 5.65 -6.28 -3.40
N LEU B 223 4.44 -6.79 -3.66
CA LEU B 223 4.22 -8.23 -3.75
C LEU B 223 5.20 -8.86 -4.71
N GLN B 224 5.36 -8.21 -5.87
CA GLN B 224 6.26 -8.63 -6.92
C GLN B 224 7.72 -8.47 -6.49
N PHE B 225 8.04 -7.28 -5.98
CA PHE B 225 9.37 -6.97 -5.45
C PHE B 225 9.87 -8.04 -4.48
N GLU B 226 9.00 -8.52 -3.57
CA GLU B 226 9.35 -9.62 -2.63
C GLU B 226 9.73 -10.92 -3.34
N ARG B 227 9.05 -11.22 -4.44
CA ARG B 227 9.35 -12.43 -5.20
C ARG B 227 10.74 -12.34 -5.82
N LEU B 228 11.13 -11.13 -6.21
CA LEU B 228 12.49 -10.88 -6.68
C LEU B 228 13.53 -11.05 -5.56
N VAL B 229 13.21 -10.60 -4.36
CA VAL B 229 14.11 -10.77 -3.22
C VAL B 229 14.39 -12.25 -2.94
N VAL B 230 13.32 -13.03 -2.88
CA VAL B 230 13.42 -14.48 -2.63
C VAL B 230 14.27 -15.15 -3.70
N LEU B 231 13.95 -14.87 -4.95
CA LEU B 231 14.69 -15.43 -6.08
C LEU B 231 16.17 -15.08 -5.97
N ASP B 232 16.48 -13.78 -5.93
CA ASP B 232 17.87 -13.35 -5.92
C ASP B 232 18.63 -13.87 -4.72
N TYR B 233 17.95 -13.99 -3.57
CA TYR B 233 18.64 -14.43 -2.38
C TYR B 233 19.01 -15.91 -2.40
N ILE B 234 18.09 -16.75 -2.88
CA ILE B 234 18.27 -18.19 -2.83
C ILE B 234 19.39 -18.58 -3.79
N ILE B 235 19.31 -18.07 -5.01
CA ILE B 235 20.36 -18.34 -5.99
C ILE B 235 21.63 -17.50 -5.73
N ARG B 236 21.52 -16.57 -4.78
CA ARG B 236 22.61 -15.66 -4.41
C ARG B 236 23.22 -15.04 -5.67
N ASN B 237 22.39 -14.27 -6.35
CA ASN B 237 22.81 -13.48 -7.48
C ASN B 237 23.96 -12.58 -7.11
N THR B 238 25.03 -12.60 -7.90
CA THR B 238 26.18 -11.75 -7.64
C THR B 238 26.10 -10.47 -8.43
N ASP B 239 25.08 -10.34 -9.27
CA ASP B 239 25.08 -9.26 -10.23
C ASP B 239 23.74 -8.58 -10.43
N ARG B 240 23.00 -8.33 -9.36
CA ARG B 240 21.70 -7.69 -9.53
C ARG B 240 21.74 -6.23 -9.19
N GLY B 241 21.72 -5.40 -10.23
CA GLY B 241 21.56 -3.97 -10.04
C GLY B 241 20.07 -3.61 -10.15
N ASN B 242 19.76 -2.32 -10.09
CA ASN B 242 18.39 -1.88 -10.33
C ASN B 242 18.09 -1.49 -11.78
N ASP B 243 18.94 -1.92 -12.71
CA ASP B 243 18.77 -1.74 -14.15
C ASP B 243 18.62 -3.13 -14.79
N ASN B 244 18.90 -4.14 -13.98
CA ASN B 244 18.98 -5.54 -14.32
C ASN B 244 17.65 -6.28 -14.24
N TRP B 245 16.75 -5.78 -13.41
CA TRP B 245 15.40 -6.30 -13.37
C TRP B 245 14.48 -5.29 -13.97
N LEU B 246 13.29 -5.73 -14.37
CA LEU B 246 12.43 -4.91 -15.20
C LEU B 246 11.08 -4.69 -14.55
N ILE B 247 10.44 -3.59 -14.91
CA ILE B 247 9.08 -3.31 -14.43
C ILE B 247 8.21 -2.98 -15.64
N LYS B 248 7.02 -3.58 -15.69
CA LYS B 248 6.03 -3.25 -16.68
C LYS B 248 4.86 -2.60 -15.98
N TYR B 249 4.45 -1.45 -16.44
CA TYR B 249 3.35 -0.74 -15.84
C TYR B 249 2.61 -0.02 -16.92
N ASP B 250 1.31 -0.23 -17.03
CA ASP B 250 0.59 0.49 -18.07
C ASP B 250 -0.42 1.52 -17.57
N CYS B 251 -1.61 1.06 -17.22
CA CYS B 251 -2.71 1.98 -16.97
C CYS B 251 -2.56 2.73 -15.66
N PRO B 269 -5.55 -2.59 -14.33
CA PRO B 269 -4.57 -1.53 -14.02
C PRO B 269 -3.21 -2.08 -13.54
N VAL B 270 -2.74 -3.15 -14.19
CA VAL B 270 -1.66 -4.03 -13.68
C VAL B 270 -0.21 -3.46 -13.67
N ILE B 271 0.64 -4.06 -12.82
CA ILE B 271 2.07 -3.77 -12.69
C ILE B 271 2.80 -5.09 -12.44
N LYS B 272 3.93 -5.31 -13.09
CA LYS B 272 4.55 -6.64 -13.15
C LYS B 272 6.08 -6.48 -13.09
N VAL B 273 6.80 -7.39 -12.42
CA VAL B 273 8.27 -7.37 -12.58
C VAL B 273 8.74 -8.59 -13.34
N ALA B 274 9.85 -8.42 -14.06
CA ALA B 274 10.55 -9.50 -14.73
C ALA B 274 12.00 -9.49 -14.27
N ALA B 275 12.52 -10.67 -13.95
CA ALA B 275 13.94 -10.84 -13.68
C ALA B 275 14.54 -11.58 -14.87
N ILE B 276 15.42 -10.88 -15.62
CA ILE B 276 15.78 -11.31 -16.98
C ILE B 276 17.22 -11.77 -17.20
N ASP B 277 18.15 -11.03 -16.62
CA ASP B 277 19.57 -11.25 -16.86
C ASP B 277 20.08 -11.95 -15.61
N ASN B 278 20.09 -13.28 -15.66
CA ASN B 278 20.34 -14.09 -14.46
C ASN B 278 21.53 -15.04 -14.61
N GLY B 279 22.50 -14.63 -15.42
CA GLY B 279 23.65 -15.47 -15.74
C GLY B 279 24.82 -15.45 -14.77
N LEU B 280 24.73 -14.66 -13.70
CA LEU B 280 25.83 -14.64 -12.74
C LEU B 280 25.39 -15.01 -11.34
N ALA B 281 24.84 -16.20 -11.21
CA ALA B 281 24.30 -16.67 -9.95
C ALA B 281 24.84 -18.07 -9.64
N PHE B 282 24.44 -18.61 -8.47
CA PHE B 282 24.85 -19.95 -8.02
C PHE B 282 26.35 -20.00 -7.79
N PRO B 283 26.90 -19.03 -7.01
CA PRO B 283 28.33 -19.08 -6.76
C PRO B 283 28.66 -20.31 -5.93
N LEU B 284 29.90 -20.78 -6.04
CA LEU B 284 30.37 -21.92 -5.28
C LEU B 284 30.97 -21.49 -3.93
N LYS B 285 30.86 -20.19 -3.62
CA LYS B 285 31.18 -19.68 -2.27
C LYS B 285 30.67 -18.27 -2.07
N HIS B 286 30.53 -17.86 -0.81
CA HIS B 286 30.23 -16.47 -0.49
C HIS B 286 31.43 -15.64 -0.80
N PRO B 287 31.22 -14.43 -1.35
CA PRO B 287 32.26 -13.45 -1.59
C PRO B 287 33.20 -13.31 -0.41
N ASP B 288 34.50 -13.26 -0.68
CA ASP B 288 35.51 -13.07 0.37
C ASP B 288 35.20 -11.84 1.19
N SER B 289 34.71 -10.80 0.51
CA SER B 289 34.26 -9.59 1.17
C SER B 289 32.75 -9.42 1.03
N TRP B 290 32.09 -9.09 2.14
CA TRP B 290 30.65 -8.87 2.14
C TRP B 290 30.22 -7.65 1.36
N ARG B 291 31.17 -6.80 0.98
CA ARG B 291 30.87 -5.56 0.27
C ARG B 291 30.87 -5.80 -1.21
N ALA B 292 31.48 -6.92 -1.61
CA ALA B 292 31.84 -7.16 -3.00
C ALA B 292 30.65 -7.18 -3.96
N TYR B 293 29.65 -8.04 -3.75
CA TYR B 293 28.59 -8.11 -4.75
C TYR B 293 27.23 -7.77 -4.16
N PRO B 294 26.95 -6.49 -3.93
CA PRO B 294 25.72 -6.20 -3.20
C PRO B 294 24.47 -6.57 -3.99
N PHE B 295 23.37 -6.80 -3.29
CA PHE B 295 22.07 -6.83 -3.94
C PHE B 295 21.61 -5.38 -4.02
N TYR B 296 21.62 -4.81 -5.23
CA TYR B 296 21.37 -3.39 -5.40
C TYR B 296 19.98 -2.93 -4.94
N TRP B 297 19.03 -3.85 -4.94
CA TRP B 297 17.69 -3.51 -4.46
C TRP B 297 17.59 -3.32 -2.97
N ALA B 298 18.61 -3.76 -2.24
CA ALA B 298 18.66 -3.53 -0.81
C ALA B 298 18.74 -2.03 -0.40
N TRP B 299 19.20 -1.17 -1.30
CA TRP B 299 19.21 0.27 -1.03
C TRP B 299 17.92 0.99 -1.30
N LEU B 300 16.98 0.34 -1.95
CA LEU B 300 15.71 0.98 -2.30
C LEU B 300 14.84 1.12 -1.07
N PRO B 301 13.98 2.16 -1.05
CA PRO B 301 13.11 2.26 0.13
C PRO B 301 12.21 1.03 0.30
N GLN B 302 11.74 0.47 -0.81
CA GLN B 302 10.90 -0.75 -0.80
C GLN B 302 11.49 -1.92 -0.01
N ALA B 303 12.81 -1.93 0.15
CA ALA B 303 13.48 -3.04 0.83
C ALA B 303 13.36 -2.93 2.36
N LYS B 304 12.76 -1.85 2.83
CA LYS B 304 12.59 -1.63 4.27
C LYS B 304 11.29 -2.23 4.80
N VAL B 305 10.40 -2.67 3.91
CA VAL B 305 9.09 -3.17 4.29
C VAL B 305 9.16 -4.63 4.76
N PRO B 306 8.65 -4.91 5.98
CA PRO B 306 8.55 -6.31 6.43
C PRO B 306 7.90 -7.18 5.35
N PHE B 307 8.33 -8.43 5.22
CA PHE B 307 7.70 -9.36 4.27
C PHE B 307 6.20 -9.51 4.54
N SER B 308 5.40 -9.67 3.48
CA SER B 308 3.95 -9.83 3.64
C SER B 308 3.58 -11.24 4.06
N GLN B 309 2.31 -11.42 4.44
CA GLN B 309 1.78 -12.76 4.69
C GLN B 309 1.71 -13.57 3.40
N GLU B 310 1.46 -12.88 2.29
CA GLU B 310 1.36 -13.52 0.99
C GLU B 310 2.64 -14.33 0.69
N ILE B 311 3.81 -13.71 0.88
CA ILE B 311 5.08 -14.38 0.56
C ILE B 311 5.44 -15.46 1.58
N LYS B 312 5.16 -15.22 2.86
CA LYS B 312 5.34 -16.23 3.89
C LYS B 312 4.53 -17.49 3.56
N ASP B 313 3.30 -17.30 3.11
CA ASP B 313 2.44 -18.43 2.77
C ASP B 313 2.90 -19.16 1.52
N LEU B 314 3.41 -18.44 0.52
CA LEU B 314 3.88 -19.05 -0.71
C LEU B 314 5.22 -19.76 -0.53
N ILE B 315 6.08 -19.23 0.34
CA ILE B 315 7.44 -19.74 0.43
C ILE B 315 7.72 -20.69 1.61
N LEU B 316 7.25 -20.34 2.81
CA LEU B 316 7.56 -21.13 4.01
C LEU B 316 7.18 -22.62 3.94
N PRO B 317 5.95 -22.95 3.52
CA PRO B 317 5.67 -24.37 3.34
C PRO B 317 6.72 -25.10 2.51
N LYS B 318 7.23 -24.45 1.47
CA LYS B 318 8.19 -25.06 0.56
C LYS B 318 9.59 -25.18 1.15
N ILE B 319 10.20 -24.05 1.53
CA ILE B 319 11.62 -24.06 1.91
C ILE B 319 11.91 -24.56 3.32
N SER B 320 10.86 -24.73 4.12
CA SER B 320 11.04 -25.31 5.45
C SER B 320 10.81 -26.83 5.43
N ASP B 321 10.49 -27.34 4.24
CA ASP B 321 10.29 -28.77 4.00
C ASP B 321 11.56 -29.41 3.37
N PRO B 322 12.25 -30.28 4.15
CA PRO B 322 13.53 -30.90 3.73
C PRO B 322 13.43 -31.66 2.41
N ASN B 323 12.26 -32.24 2.15
CA ASN B 323 11.97 -32.95 0.90
C ASN B 323 12.01 -32.02 -0.28
N PHE B 324 11.28 -30.91 -0.16
CA PHE B 324 11.25 -29.90 -1.21
C PHE B 324 12.67 -29.42 -1.57
N VAL B 325 13.41 -28.98 -0.56
CA VAL B 325 14.80 -28.57 -0.75
C VAL B 325 15.62 -29.65 -1.47
N LYS B 326 15.47 -30.91 -1.05
CA LYS B 326 16.18 -32.03 -1.69
C LYS B 326 15.76 -32.27 -3.14
N ASP B 327 14.46 -32.15 -3.44
CA ASP B 327 14.01 -32.18 -4.82
C ASP B 327 14.66 -31.08 -5.65
N LEU B 328 14.77 -29.87 -5.07
CA LEU B 328 15.35 -28.72 -5.74
C LEU B 328 16.78 -28.98 -6.15
N GLU B 329 17.59 -29.49 -5.23
CA GLU B 329 18.99 -29.82 -5.51
C GLU B 329 19.07 -30.89 -6.57
N GLU B 330 18.09 -31.78 -6.57
CA GLU B 330 18.01 -32.84 -7.55
C GLU B 330 17.79 -32.24 -8.94
N ASP B 331 16.75 -31.43 -9.06
CA ASP B 331 16.40 -30.78 -10.32
C ASP B 331 17.56 -29.98 -10.90
N LEU B 332 18.25 -29.25 -10.01
CA LEU B 332 19.44 -28.46 -10.35
C LEU B 332 20.59 -29.31 -10.85
N TYR B 333 20.94 -30.33 -10.07
CA TYR B 333 21.94 -31.32 -10.46
C TYR B 333 21.65 -31.82 -11.86
N GLU B 334 20.42 -32.26 -12.09
CA GLU B 334 19.97 -32.75 -13.38
C GLU B 334 20.27 -31.77 -14.53
N LEU B 335 20.23 -30.48 -14.24
CA LEU B 335 20.42 -29.46 -15.26
C LEU B 335 21.91 -29.16 -15.43
N PHE B 336 22.60 -29.08 -14.31
CA PHE B 336 24.00 -28.69 -14.27
C PHE B 336 24.96 -29.77 -14.73
N LYS B 337 24.56 -31.03 -14.61
CA LYS B 337 25.40 -32.15 -15.05
C LYS B 337 25.41 -32.26 -16.57
N LYS B 338 24.50 -31.55 -17.24
CA LYS B 338 24.45 -31.53 -18.71
C LYS B 338 25.62 -30.77 -19.36
N ASP B 339 26.32 -29.95 -18.57
CA ASP B 339 27.47 -29.19 -19.06
C ASP B 339 28.69 -30.08 -19.25
N PRO B 340 29.32 -30.02 -20.44
CA PRO B 340 30.56 -30.76 -20.70
C PRO B 340 31.71 -30.33 -19.80
N GLY B 341 31.48 -29.37 -18.91
CA GLY B 341 32.48 -28.94 -17.94
C GLY B 341 32.12 -29.20 -16.50
N PHE B 342 30.97 -29.85 -16.27
CA PHE B 342 30.49 -30.14 -14.92
C PHE B 342 31.55 -30.81 -14.05
N ASP B 343 31.59 -30.39 -12.80
CA ASP B 343 32.47 -30.99 -11.80
C ASP B 343 31.69 -31.15 -10.50
N ARG B 344 31.73 -32.36 -9.94
CA ARG B 344 30.88 -32.73 -8.80
C ARG B 344 31.23 -31.93 -7.55
N GLY B 345 32.50 -31.63 -7.37
CA GLY B 345 32.95 -30.92 -6.17
C GLY B 345 32.45 -29.49 -6.13
N GLN B 346 32.44 -28.86 -7.30
CA GLN B 346 31.89 -27.53 -7.48
C GLN B 346 30.40 -27.50 -7.19
N PHE B 347 29.69 -28.50 -7.69
CA PHE B 347 28.26 -28.55 -7.51
C PHE B 347 27.90 -28.62 -6.04
N HIS B 348 28.57 -29.53 -5.32
CA HIS B 348 28.43 -29.63 -3.88
C HIS B 348 28.54 -28.29 -3.21
N LYS B 349 29.49 -27.47 -3.69
CA LYS B 349 29.77 -26.15 -3.12
C LYS B 349 28.62 -25.20 -3.37
N GLN B 350 28.12 -25.19 -4.61
CA GLN B 350 26.96 -24.36 -4.99
C GLN B 350 25.73 -24.64 -4.11
N ILE B 351 25.41 -25.94 -3.96
CA ILE B 351 24.32 -26.42 -3.12
C ILE B 351 24.51 -26.04 -1.65
N ALA B 352 25.76 -26.08 -1.19
CA ALA B 352 26.13 -25.64 0.16
C ALA B 352 25.77 -24.17 0.43
N VAL B 353 26.13 -23.28 -0.50
CA VAL B 353 25.83 -21.83 -0.38
C VAL B 353 24.32 -21.63 -0.29
N MET B 354 23.62 -22.27 -1.22
CA MET B 354 22.18 -22.17 -1.36
C MET B 354 21.44 -22.61 -0.09
N ARG B 355 21.85 -23.72 0.49
CA ARG B 355 21.26 -24.20 1.74
C ARG B 355 21.38 -23.12 2.82
N GLY B 356 22.58 -22.54 2.92
CA GLY B 356 22.85 -21.41 3.82
C GLY B 356 21.92 -20.25 3.55
N GLN B 357 21.70 -19.95 2.28
CA GLN B 357 20.74 -18.92 1.91
C GLN B 357 19.33 -19.28 2.38
N ILE B 358 18.88 -20.50 2.07
CA ILE B 358 17.54 -20.95 2.47
C ILE B 358 17.35 -20.90 3.99
N LEU B 359 18.39 -21.26 4.73
CA LEU B 359 18.36 -21.22 6.17
C LEU B 359 18.14 -19.78 6.66
N ASN B 360 18.93 -18.84 6.12
CA ASN B 360 18.74 -17.41 6.39
C ASN B 360 17.37 -16.87 6.00
N LEU B 361 16.91 -17.23 4.81
CA LEU B 361 15.61 -16.80 4.35
C LEU B 361 14.54 -17.24 5.32
N THR B 362 14.56 -18.52 5.69
CA THR B 362 13.58 -19.12 6.58
C THR B 362 13.44 -18.35 7.89
N GLN B 363 14.58 -18.10 8.54
CA GLN B 363 14.60 -17.33 9.76
C GLN B 363 13.88 -16.01 9.52
N ALA B 364 14.31 -15.29 8.48
CA ALA B 364 13.77 -13.98 8.17
C ALA B 364 12.25 -13.99 7.95
N LEU B 365 11.73 -15.04 7.32
CA LEU B 365 10.30 -15.10 7.02
C LEU B 365 9.47 -15.45 8.26
N LYS B 366 9.93 -16.41 9.05
CA LYS B 366 9.35 -16.66 10.35
C LYS B 366 9.29 -15.33 11.14
N ASP B 367 10.44 -14.70 11.34
CA ASP B 367 10.57 -13.49 12.17
C ASP B 367 10.00 -12.19 11.58
N ASN B 368 9.25 -12.29 10.48
CA ASN B 368 8.63 -11.12 9.84
C ASN B 368 9.57 -9.97 9.50
N LYS B 369 10.81 -10.29 9.14
CA LYS B 369 11.82 -9.30 8.78
C LYS B 369 11.62 -8.66 7.40
N SER B 370 12.45 -7.67 7.08
CA SER B 370 12.42 -7.03 5.78
C SER B 370 13.59 -7.50 4.88
N PRO B 371 13.46 -7.35 3.56
CA PRO B 371 14.57 -7.70 2.68
C PRO B 371 15.92 -7.06 3.11
N LEU B 372 15.88 -5.82 3.57
CA LEU B 372 17.09 -5.15 4.04
C LEU B 372 17.73 -5.93 5.17
N HIS B 373 16.93 -6.29 6.17
CA HIS B 373 17.45 -7.06 7.32
C HIS B 373 17.93 -8.44 6.92
N LEU B 374 17.31 -8.99 5.89
CA LEU B 374 17.73 -10.26 5.34
C LEU B 374 19.14 -10.18 4.78
N VAL B 375 19.39 -9.23 3.88
CA VAL B 375 20.74 -9.15 3.33
C VAL B 375 21.81 -8.75 4.38
N GLN B 376 21.36 -8.41 5.58
CA GLN B 376 22.26 -8.01 6.65
C GLN B 376 22.68 -9.17 7.55
N MET B 377 21.97 -10.28 7.43
CA MET B 377 22.31 -11.47 8.20
C MET B 377 23.64 -11.98 7.69
N PRO B 378 24.50 -12.49 8.61
CA PRO B 378 25.74 -13.14 8.17
C PRO B 378 25.46 -14.29 7.21
N PRO B 379 26.30 -14.43 6.16
CA PRO B 379 26.24 -15.61 5.29
C PRO B 379 26.59 -16.85 6.09
N VAL B 380 26.13 -18.02 5.66
CA VAL B 380 26.39 -19.29 6.35
C VAL B 380 26.59 -20.45 5.35
N ILE B 381 27.39 -21.46 5.73
CA ILE B 381 27.55 -22.67 4.90
C ILE B 381 27.13 -24.00 5.59
N VAL B 382 26.21 -24.72 4.95
CA VAL B 382 25.67 -25.98 5.48
C VAL B 382 26.13 -27.17 4.62
N GLU B 383 26.64 -28.22 5.26
CA GLU B 383 27.04 -29.46 4.58
C GLU B 383 26.54 -30.71 5.29
PB ADP C . -8.15 20.80 24.24
O1B ADP C . -6.85 21.03 23.47
O2B ADP C . -7.96 20.26 25.62
O3B ADP C . -9.12 21.96 24.17
PA ADP C . -8.25 18.28 22.90
O1A ADP C . -7.14 18.65 21.94
O2A ADP C . -9.36 17.35 22.47
O3A ADP C . -8.93 19.65 23.43
O5' ADP C . -7.54 17.75 24.24
C5' ADP C . -7.94 16.55 24.88
C4' ADP C . -6.76 15.60 25.07
O4' ADP C . -7.33 14.33 25.36
C3' ADP C . -5.89 15.41 23.82
O3' ADP C . -4.51 15.54 24.18
C2' ADP C . -6.14 13.99 23.32
O2' ADP C . -4.92 13.22 23.36
C1' ADP C . -7.19 13.43 24.27
N9 ADP C . -8.52 13.26 23.62
C8 ADP C . -9.30 14.24 23.10
N7 ADP C . -10.45 13.73 22.58
C5 ADP C . -10.42 12.39 22.77
C6 ADP C . -11.32 11.23 22.49
N6 ADP C . -12.53 11.37 21.86
N1 ADP C . -10.90 10.00 22.88
C2 ADP C . -9.71 9.80 23.49
N3 ADP C . -8.85 10.81 23.79
C4 ADP C . -9.14 12.09 23.47
PB ADP D . 22.53 -7.38 -20.31
O1B ADP D . 23.42 -8.60 -20.38
O2B ADP D . 22.60 -6.67 -18.97
O3B ADP D . 22.65 -6.45 -21.49
PA ADP D . 20.43 -9.15 -21.27
O1A ADP D . 19.55 -10.03 -20.41
O2A ADP D . 21.57 -9.74 -22.04
O3A ADP D . 20.99 -7.93 -20.34
O5' ADP D . 19.48 -8.43 -22.36
C5' ADP D . 19.90 -7.27 -23.06
C4' ADP D . 18.83 -6.19 -22.96
O4' ADP D . 17.63 -6.67 -23.57
C3' ADP D . 18.50 -5.83 -21.51
O3' ADP D . 18.93 -4.50 -21.19
C2' ADP D . 17.00 -5.99 -21.36
O2' ADP D . 16.35 -4.73 -21.14
C1' ADP D . 16.51 -6.58 -22.68
N9 ADP D . 15.96 -7.94 -22.45
C8 ADP D . 16.64 -9.05 -22.09
N7 ADP D . 15.82 -10.12 -21.96
C5 ADP D . 14.57 -9.70 -22.26
C6 ADP D . 13.20 -10.32 -22.33
N6 ADP D . 12.98 -11.64 -22.06
N1 ADP D . 12.17 -9.50 -22.69
C2 ADP D . 12.35 -8.18 -22.96
N3 ADP D . 13.55 -7.57 -22.92
C4 ADP D . 14.67 -8.26 -22.58
#